data_6UHU
#
_entry.id   6UHU
#
_cell.length_a   80.550
_cell.length_b   80.550
_cell.length_c   244.817
_cell.angle_alpha   90.000
_cell.angle_beta   90.000
_cell.angle_gamma   120.000
#
_symmetry.space_group_name_H-M   'P 31 2 1'
#
loop_
_entity.id
_entity.type
_entity.pdbx_description
1 polymer 'Polyamine deacetylase HDAC10'
2 non-polymer 5-(3-azanylpropylamino)pentyl-$l^{3}-oxidanyl-bis(oxidanyl)boron
3 non-polymer 'ZINC ION'
4 non-polymer 'PHOSPHATE ION'
5 non-polymer 'POTASSIUM ION'
6 water water
#
_entity_poly.entity_id   1
_entity_poly.type   'polypeptide(L)'
_entity_poly.pdbx_seq_one_letter_code
;AASGSALIFDEEMSRYKLLWTDPACEIEVPERLTVSYEALRTHGLAQRCKAVPVRQATEQEILLAHSEEYLEAVKQTPGM
NVEELMAFSKKYNDVYFHQNIYHCAKLAAGATLQLVDSVMKREVRNGMALVRPPGHHSQRSAANGFCVFNNVAFAALYAK
KNYNLNRILIVDWDVHHGQGIQYCFEEDPSVLYFSWHRYEHQSFWPNLPESDYSSVGKGKGSGFNINLPWNKVGMTNSDY
LAAFFHVLLPVAYEFDPELVIVSAGFDSAIGDPEGEMCALPEIFAHLTHLLMPLAAGKMCVVLEGGYNLTSLGQSVCQTV
HSLLGDPTPRISGLGTACDSALESIQNVRNVQSSYWSSFKHLAQSETNPKRPRLDATNGGPKESSEPASESNPKKTAQDI
VWPEPLKRMPASVRTVVVPPPGVELTLPKNCQHSGDISESTAKEVQRIRDKHFHDLTDQNILRSLGNIISVLDRMMRSDE
VCNGCVVVSDLSVSVQCALQHALTEPAERVLVVYVGDGELPVKTNDGKVFLVQICTKETEDKCVNRLTLCLREGESLTAG
FMQALLGLILPVAYEFNPALVLGIVEETAAKTRLMRVWGHMTCLIQGLARGRMLTLLQGYDKDLLELTVSALSGASISPL
GPLRAPKPEDVEMMEKQRQRLQERWGLLRCTVSESW
;
_entity_poly.pdbx_strand_id   A
#
# COMPACT_ATOMS: atom_id res chain seq x y z
N ALA A 1 11.84 13.55 -9.63
CA ALA A 1 11.51 14.81 -10.27
C ALA A 1 10.00 14.92 -10.50
N ALA A 2 9.35 13.77 -10.70
CA ALA A 2 7.91 13.75 -10.89
C ALA A 2 7.21 14.15 -9.59
N SER A 3 6.08 14.83 -9.74
CA SER A 3 5.32 15.31 -8.59
C SER A 3 3.90 15.58 -9.02
N GLY A 4 2.97 15.35 -8.10
CA GLY A 4 1.57 15.54 -8.35
C GLY A 4 0.85 14.22 -8.63
N SER A 5 -0.48 14.29 -8.63
CA SER A 5 -1.32 13.14 -8.88
C SER A 5 -2.43 13.55 -9.83
N ALA A 6 -2.76 12.68 -10.78
CA ALA A 6 -3.75 12.97 -11.79
C ALA A 6 -5.08 12.34 -11.43
N LEU A 7 -6.14 13.14 -11.47
CA LEU A 7 -7.52 12.64 -11.34
C LEU A 7 -8.18 12.79 -12.70
N ILE A 8 -8.36 11.66 -13.39
CA ILE A 8 -9.00 11.63 -14.70
C ILE A 8 -10.46 11.25 -14.49
N PHE A 9 -11.36 12.09 -15.00
CA PHE A 9 -12.80 11.91 -14.78
C PHE A 9 -13.56 12.71 -15.82
N ASP A 10 -14.77 12.24 -16.13
CA ASP A 10 -15.67 12.97 -17.03
C ASP A 10 -17.09 12.55 -16.73
N GLU A 11 -17.98 13.53 -16.58
CA GLU A 11 -19.38 13.25 -16.29
C GLU A 11 -20.08 12.52 -17.43
N GLU A 12 -19.46 12.46 -18.62
CA GLU A 12 -20.07 11.74 -19.73
C GLU A 12 -20.17 10.26 -19.44
N MET A 13 -19.20 9.70 -18.71
CA MET A 13 -19.23 8.27 -18.39
C MET A 13 -20.35 7.90 -17.43
N SER A 14 -21.06 8.89 -16.88
CA SER A 14 -22.24 8.64 -16.06
C SER A 14 -23.53 8.74 -16.85
N ARG A 15 -23.46 8.73 -18.18
CA ARG A 15 -24.62 8.97 -19.02
C ARG A 15 -25.04 7.72 -19.79
N TYR A 16 -24.88 6.55 -19.18
CA TYR A 16 -25.48 5.30 -19.64
C TYR A 16 -26.00 4.57 -18.41
N LYS A 17 -27.08 3.81 -18.59
CA LYS A 17 -27.70 3.17 -17.44
C LYS A 17 -28.55 1.99 -17.90
N LEU A 18 -28.97 1.18 -16.92
CA LEU A 18 -29.81 0.03 -17.20
C LEU A 18 -31.23 0.47 -17.52
N LEU A 19 -31.80 -0.08 -18.59
CA LEU A 19 -33.08 0.37 -19.11
C LEU A 19 -34.20 -0.65 -18.93
N TRP A 20 -33.90 -1.84 -18.40
CA TRP A 20 -34.92 -2.86 -18.20
C TRP A 20 -34.71 -3.51 -16.82
N THR A 21 -35.69 -4.31 -16.42
CA THR A 21 -35.59 -5.03 -15.15
C THR A 21 -34.55 -6.14 -15.27
N ASP A 22 -33.55 -6.10 -14.39
CA ASP A 22 -32.51 -7.12 -14.31
C ASP A 22 -31.82 -6.98 -12.97
N PRO A 23 -32.21 -7.79 -11.98
CA PRO A 23 -31.61 -7.65 -10.64
C PRO A 23 -30.11 -7.88 -10.62
N ALA A 24 -29.56 -8.57 -11.62
CA ALA A 24 -28.13 -8.84 -11.67
C ALA A 24 -27.30 -7.64 -12.10
N CYS A 25 -27.94 -6.53 -12.49
CA CYS A 25 -27.20 -5.34 -12.87
C CYS A 25 -27.77 -4.05 -12.30
N GLU A 26 -28.78 -4.12 -11.43
CA GLU A 26 -29.36 -2.89 -10.88
C GLU A 26 -28.35 -2.09 -10.08
N ILE A 27 -27.38 -2.75 -9.45
CA ILE A 27 -26.46 -2.06 -8.56
C ILE A 27 -25.49 -1.17 -9.33
N GLU A 28 -25.16 -1.54 -10.57
CA GLU A 28 -24.21 -0.78 -11.38
C GLU A 28 -24.93 0.46 -11.91
N VAL A 29 -24.76 1.58 -11.23
CA VAL A 29 -25.51 2.80 -11.50
C VAL A 29 -24.52 3.90 -11.86
N PRO A 30 -24.96 4.89 -12.62
CA PRO A 30 -24.10 6.06 -12.89
C PRO A 30 -23.78 6.87 -11.66
N GLU A 31 -24.62 6.83 -10.61
CA GLU A 31 -24.35 7.58 -9.41
C GLU A 31 -23.05 7.14 -8.72
N ARG A 32 -22.58 5.92 -9.01
CA ARG A 32 -21.28 5.50 -8.51
C ARG A 32 -20.19 6.50 -8.89
N LEU A 33 -20.27 7.03 -10.11
CA LEU A 33 -19.26 7.97 -10.59
C LEU A 33 -19.46 9.36 -9.98
N THR A 34 -20.70 9.87 -10.01
CA THR A 34 -20.96 11.21 -9.52
C THR A 34 -20.76 11.33 -8.02
N VAL A 35 -21.05 10.25 -7.27
CA VAL A 35 -20.90 10.31 -5.81
C VAL A 35 -19.43 10.35 -5.42
N SER A 36 -18.59 9.57 -6.09
CA SER A 36 -17.18 9.52 -5.71
C SER A 36 -16.44 10.79 -6.15
N TYR A 37 -16.79 11.38 -7.29
CA TYR A 37 -16.10 12.60 -7.70
C TYR A 37 -16.46 13.77 -6.77
N GLU A 38 -17.72 13.84 -6.33
CA GLU A 38 -18.11 14.95 -5.48
C GLU A 38 -17.61 14.76 -4.06
N ALA A 39 -17.50 13.51 -3.62
CA ALA A 39 -16.82 13.23 -2.36
C ALA A 39 -15.37 13.71 -2.40
N LEU A 40 -14.72 13.54 -3.56
CA LEU A 40 -13.36 14.04 -3.71
C LEU A 40 -13.32 15.56 -3.67
N ARG A 41 -14.32 16.22 -4.27
CA ARG A 41 -14.37 17.68 -4.27
C ARG A 41 -14.82 18.23 -2.92
N THR A 42 -15.69 17.51 -2.21
CA THR A 42 -16.13 17.96 -0.89
C THR A 42 -14.96 17.98 0.08
N HIS A 43 -14.07 16.99 0.00
CA HIS A 43 -12.92 16.90 0.89
C HIS A 43 -11.68 17.58 0.33
N GLY A 44 -11.84 18.41 -0.71
CA GLY A 44 -10.72 19.16 -1.24
C GLY A 44 -9.64 18.35 -1.93
N LEU A 45 -9.93 17.08 -2.26
CA LEU A 45 -8.89 16.24 -2.85
C LEU A 45 -8.81 16.42 -4.36
N ALA A 46 -9.96 16.55 -5.03
CA ALA A 46 -9.96 16.76 -6.47
C ALA A 46 -9.22 18.04 -6.85
N GLN A 47 -9.40 19.10 -6.04
CA GLN A 47 -8.71 20.36 -6.30
C GLN A 47 -7.20 20.25 -6.19
N ARG A 48 -6.69 19.25 -5.49
CA ARG A 48 -5.25 19.06 -5.30
C ARG A 48 -4.63 18.13 -6.32
N CYS A 49 -5.42 17.65 -7.29
CA CYS A 49 -4.95 16.72 -8.31
C CYS A 49 -5.10 17.32 -9.71
N LYS A 50 -4.04 17.20 -10.50
CA LYS A 50 -4.07 17.64 -11.89
C LYS A 50 -5.16 16.88 -12.65
N ALA A 51 -6.04 17.63 -13.31
CA ALA A 51 -7.21 17.05 -13.98
C ALA A 51 -6.88 16.82 -15.46
N VAL A 52 -6.33 15.64 -15.74
CA VAL A 52 -6.02 15.28 -17.13
C VAL A 52 -7.31 14.90 -17.85
N PRO A 53 -7.56 15.41 -19.05
CA PRO A 53 -8.81 15.10 -19.75
C PRO A 53 -8.87 13.65 -20.19
N VAL A 54 -10.08 13.20 -20.48
CA VAL A 54 -10.31 11.83 -20.93
C VAL A 54 -10.14 11.78 -22.45
N ARG A 55 -9.87 10.57 -22.94
CA ARG A 55 -9.68 10.30 -24.35
C ARG A 55 -10.66 9.23 -24.81
N GLN A 56 -10.87 9.15 -26.11
CA GLN A 56 -11.43 7.97 -26.73
C GLN A 56 -10.29 7.03 -27.09
N ALA A 57 -10.40 5.79 -26.65
CA ALA A 57 -9.40 4.79 -27.04
C ALA A 57 -9.58 4.47 -28.53
N THR A 58 -8.47 4.53 -29.26
CA THR A 58 -8.53 4.26 -30.70
C THR A 58 -8.83 2.79 -30.94
N GLU A 59 -9.24 2.49 -32.18
CA GLU A 59 -9.52 1.11 -32.57
C GLU A 59 -8.28 0.24 -32.42
N GLN A 60 -7.12 0.77 -32.83
CA GLN A 60 -5.88 0.01 -32.71
C GLN A 60 -5.57 -0.32 -31.25
N GLU A 61 -5.93 0.56 -30.33
CA GLU A 61 -5.69 0.30 -28.91
C GLU A 61 -6.68 -0.73 -28.37
N ILE A 62 -7.95 -0.67 -28.82
CA ILE A 62 -8.93 -1.64 -28.38
C ILE A 62 -8.54 -3.04 -28.83
N LEU A 63 -7.99 -3.15 -30.05
CA LEU A 63 -7.57 -4.44 -30.57
C LEU A 63 -6.35 -5.01 -29.85
N LEU A 64 -5.69 -4.22 -28.99
CA LEU A 64 -4.59 -4.76 -28.20
C LEU A 64 -5.02 -5.94 -27.35
N ALA A 65 -6.27 -5.93 -26.87
CA ALA A 65 -6.75 -6.99 -25.99
C ALA A 65 -8.10 -7.58 -26.41
N HIS A 66 -8.67 -7.13 -27.53
CA HIS A 66 -9.98 -7.61 -27.96
C HIS A 66 -9.95 -7.94 -29.44
N SER A 67 -10.81 -8.88 -29.83
CA SER A 67 -10.87 -9.35 -31.21
C SER A 67 -11.70 -8.39 -32.06
N GLU A 68 -11.39 -8.39 -33.37
CA GLU A 68 -12.14 -7.55 -34.29
C GLU A 68 -13.62 -7.89 -34.28
N GLU A 69 -13.94 -9.18 -34.24
CA GLU A 69 -15.34 -9.62 -34.26
C GLU A 69 -16.11 -9.02 -33.09
N TYR A 70 -15.51 -9.03 -31.90
CA TYR A 70 -16.18 -8.47 -30.73
C TYR A 70 -16.26 -6.96 -30.80
N LEU A 71 -15.19 -6.30 -31.26
CA LEU A 71 -15.21 -4.85 -31.39
C LEU A 71 -16.28 -4.41 -32.38
N GLU A 72 -16.41 -5.12 -33.51
CA GLU A 72 -17.41 -4.77 -34.50
C GLU A 72 -18.82 -4.89 -33.94
N ALA A 73 -19.06 -5.92 -33.13
CA ALA A 73 -20.40 -6.12 -32.57
C ALA A 73 -20.76 -5.01 -31.58
N VAL A 74 -19.83 -4.64 -30.71
CA VAL A 74 -20.08 -3.55 -29.76
C VAL A 74 -20.26 -2.23 -30.50
N LYS A 75 -19.51 -2.04 -31.59
CA LYS A 75 -19.61 -0.81 -32.37
C LYS A 75 -21.00 -0.60 -32.96
N GLN A 76 -21.82 -1.66 -33.03
CA GLN A 76 -23.16 -1.57 -33.59
C GLN A 76 -24.22 -1.27 -32.55
N THR A 77 -23.86 -1.22 -31.26
CA THR A 77 -24.85 -0.99 -30.20
C THR A 77 -25.39 0.43 -30.15
N PRO A 78 -24.65 1.48 -30.54
CA PRO A 78 -25.26 2.82 -30.56
C PRO A 78 -26.43 2.96 -31.53
N GLY A 79 -26.62 2.02 -32.45
CA GLY A 79 -27.72 2.06 -33.39
C GLY A 79 -28.91 1.20 -33.03
N MET A 80 -28.97 0.66 -31.82
CA MET A 80 -30.01 -0.27 -31.42
C MET A 80 -31.04 0.43 -30.54
N ASN A 81 -32.31 0.05 -30.70
CA ASN A 81 -33.32 0.37 -29.71
C ASN A 81 -33.13 -0.55 -28.49
N VAL A 82 -33.97 -0.36 -27.46
CA VAL A 82 -33.80 -1.08 -26.19
C VAL A 82 -34.12 -2.56 -26.36
N GLU A 83 -35.05 -2.88 -27.28
CA GLU A 83 -35.31 -4.29 -27.58
C GLU A 83 -34.05 -4.96 -28.12
N GLU A 84 -33.36 -4.32 -29.06
CA GLU A 84 -32.16 -4.91 -29.63
C GLU A 84 -31.01 -4.91 -28.63
N LEU A 85 -30.99 -3.96 -27.70
CA LEU A 85 -29.96 -3.98 -26.65
C LEU A 85 -30.22 -5.09 -25.65
N MET A 86 -31.50 -5.37 -25.36
CA MET A 86 -31.84 -6.48 -24.49
C MET A 86 -31.37 -7.80 -25.08
N ALA A 87 -31.66 -8.02 -26.37
CA ALA A 87 -31.23 -9.26 -27.03
C ALA A 87 -29.72 -9.35 -27.11
N PHE A 88 -29.03 -8.23 -27.27
CA PHE A 88 -27.57 -8.26 -27.33
C PHE A 88 -26.96 -8.51 -25.97
N SER A 89 -27.60 -8.01 -24.90
CA SER A 89 -27.03 -8.16 -23.56
C SER A 89 -27.22 -9.57 -23.01
N LYS A 90 -28.31 -10.25 -23.37
CA LYS A 90 -28.55 -11.60 -22.86
C LYS A 90 -27.56 -12.62 -23.41
N LYS A 91 -26.85 -12.29 -24.49
CA LYS A 91 -25.81 -13.16 -25.01
C LYS A 91 -24.54 -13.16 -24.17
N TYR A 92 -24.50 -12.38 -23.09
CA TYR A 92 -23.37 -12.32 -22.19
C TYR A 92 -23.86 -12.46 -20.76
N ASN A 93 -22.91 -12.60 -19.82
CA ASN A 93 -23.23 -12.88 -18.42
C ASN A 93 -23.17 -11.59 -17.62
N ASP A 94 -24.33 -11.15 -17.12
CA ASP A 94 -24.44 -10.06 -16.16
C ASP A 94 -23.84 -8.76 -16.70
N VAL A 95 -24.38 -8.30 -17.82
CA VAL A 95 -23.96 -7.03 -18.40
C VAL A 95 -25.11 -6.50 -19.25
N TYR A 96 -25.38 -5.20 -19.12
CA TYR A 96 -26.36 -4.52 -19.95
C TYR A 96 -25.65 -3.56 -20.89
N PHE A 97 -26.31 -3.26 -22.00
CA PHE A 97 -25.79 -2.32 -22.98
C PHE A 97 -26.75 -1.14 -23.11
N HIS A 98 -26.18 0.01 -23.47
CA HIS A 98 -26.90 1.26 -23.57
C HIS A 98 -26.53 1.90 -24.90
N GLN A 99 -27.36 2.83 -25.37
CA GLN A 99 -27.04 3.53 -26.62
C GLN A 99 -25.72 4.27 -26.52
N ASN A 100 -25.32 4.65 -25.31
CA ASN A 100 -24.11 5.42 -25.08
C ASN A 100 -22.97 4.61 -24.47
N ILE A 101 -23.15 3.31 -24.27
CA ILE A 101 -22.16 2.55 -23.50
C ILE A 101 -20.89 2.31 -24.32
N TYR A 102 -21.02 2.12 -25.64
CA TYR A 102 -19.82 2.00 -26.46
C TYR A 102 -19.02 3.30 -26.44
N HIS A 103 -19.72 4.44 -26.47
CA HIS A 103 -19.05 5.73 -26.36
C HIS A 103 -18.27 5.83 -25.05
N CYS A 104 -18.92 5.51 -23.94
CA CYS A 104 -18.27 5.62 -22.63
C CYS A 104 -17.19 4.56 -22.45
N ALA A 105 -17.40 3.36 -23.00
CA ALA A 105 -16.40 2.32 -22.90
C ALA A 105 -15.08 2.76 -23.52
N LYS A 106 -15.14 3.40 -24.69
CA LYS A 106 -13.94 3.98 -25.28
C LYS A 106 -13.36 5.08 -24.41
N LEU A 107 -14.23 5.84 -23.73
CA LEU A 107 -13.74 6.88 -22.83
C LEU A 107 -13.11 6.29 -21.58
N ALA A 108 -13.73 5.24 -21.01
CA ALA A 108 -13.15 4.58 -19.86
C ALA A 108 -11.78 3.99 -20.20
N ALA A 109 -11.63 3.45 -21.41
CA ALA A 109 -10.35 2.93 -21.83
C ALA A 109 -9.35 4.05 -22.10
N GLY A 110 -9.78 5.09 -22.82
CA GLY A 110 -8.89 6.20 -23.11
C GLY A 110 -8.45 6.93 -21.86
N ALA A 111 -9.35 7.03 -20.86
CA ALA A 111 -8.97 7.62 -19.59
C ALA A 111 -7.83 6.86 -18.93
N THR A 112 -7.89 5.52 -19.00
CA THR A 112 -6.81 4.70 -18.44
C THR A 112 -5.49 4.94 -19.16
N LEU A 113 -5.55 5.10 -20.50
CA LEU A 113 -4.34 5.36 -21.25
C LEU A 113 -3.80 6.76 -20.97
N GLN A 114 -4.70 7.73 -20.79
CA GLN A 114 -4.27 9.08 -20.41
C GLN A 114 -3.55 9.05 -19.06
N LEU A 115 -4.05 8.25 -18.13
CA LEU A 115 -3.36 8.09 -16.85
C LEU A 115 -2.00 7.43 -17.04
N VAL A 116 -1.93 6.41 -17.90
CA VAL A 116 -0.66 5.70 -18.13
C VAL A 116 0.38 6.65 -18.71
N ASP A 117 -0.01 7.47 -19.70
CA ASP A 117 0.94 8.38 -20.32
C ASP A 117 1.34 9.49 -19.36
N SER A 118 0.41 9.97 -18.53
CA SER A 118 0.75 11.01 -17.56
C SER A 118 1.76 10.51 -16.55
N VAL A 119 1.67 9.25 -16.15
CA VAL A 119 2.58 8.71 -15.14
C VAL A 119 3.91 8.32 -15.77
N MET A 120 3.89 7.68 -16.94
CA MET A 120 5.13 7.22 -17.56
C MET A 120 5.93 8.35 -18.19
N LYS A 121 5.29 9.45 -18.57
CA LYS A 121 6.01 10.64 -19.07
C LYS A 121 6.53 11.51 -17.93
N ARG A 122 6.43 11.05 -16.70
CA ARG A 122 6.86 11.76 -15.50
C ARG A 122 6.10 13.06 -15.26
N GLU A 123 4.98 13.27 -15.98
CA GLU A 123 4.19 14.48 -15.79
C GLU A 123 3.48 14.49 -14.45
N VAL A 124 3.27 13.32 -13.84
CA VAL A 124 2.75 13.18 -12.48
C VAL A 124 3.50 12.05 -11.80
N ARG A 125 3.38 12.00 -10.47
CA ARG A 125 3.95 10.89 -9.72
C ARG A 125 3.07 9.66 -9.79
N ASN A 126 1.74 9.85 -9.77
CA ASN A 126 0.78 8.76 -9.81
C ASN A 126 -0.57 9.38 -10.18
N GLY A 127 -1.64 8.59 -10.04
CA GLY A 127 -2.96 9.12 -10.31
C GLY A 127 -4.02 8.05 -10.25
N MET A 128 -5.27 8.51 -10.37
CA MET A 128 -6.43 7.63 -10.37
C MET A 128 -7.40 8.07 -11.45
N ALA A 129 -8.03 7.09 -12.10
CA ALA A 129 -9.10 7.34 -13.08
C ALA A 129 -10.41 6.81 -12.53
N LEU A 130 -11.45 7.65 -12.59
CA LEU A 130 -12.81 7.28 -12.16
C LEU A 130 -13.61 6.96 -13.42
N VAL A 131 -13.57 5.70 -13.84
CA VAL A 131 -14.15 5.27 -15.10
C VAL A 131 -15.40 4.43 -14.82
N ARG A 132 -16.23 4.32 -15.86
CA ARG A 132 -17.43 3.52 -15.90
C ARG A 132 -17.65 3.33 -17.39
N PRO A 133 -17.81 2.09 -17.88
CA PRO A 133 -17.94 0.80 -17.18
C PRO A 133 -16.65 0.26 -16.57
N PRO A 134 -16.77 -0.75 -15.68
CA PRO A 134 -15.57 -1.45 -15.22
C PRO A 134 -14.95 -2.26 -16.34
N GLY A 135 -13.84 -2.95 -16.07
CA GLY A 135 -13.15 -3.62 -17.16
C GLY A 135 -12.66 -5.03 -16.90
N HIS A 136 -12.37 -5.37 -15.63
CA HIS A 136 -11.56 -6.55 -15.38
C HIS A 136 -12.27 -7.87 -15.65
N HIS A 137 -13.59 -7.87 -15.85
CA HIS A 137 -14.27 -9.07 -16.30
C HIS A 137 -14.29 -9.20 -17.82
N SER A 138 -14.08 -8.10 -18.55
CA SER A 138 -14.10 -8.13 -20.00
C SER A 138 -13.03 -9.06 -20.54
N GLN A 139 -13.38 -9.79 -21.61
CA GLN A 139 -12.50 -10.77 -22.22
C GLN A 139 -12.29 -10.42 -23.69
N ARG A 140 -11.46 -11.22 -24.36
N ARG A 140 -11.45 -11.21 -24.36
CA ARG A 140 -11.03 -10.89 -25.73
CA ARG A 140 -11.03 -10.89 -25.73
C ARG A 140 -12.22 -10.79 -26.68
C ARG A 140 -12.22 -10.79 -26.67
N SER A 141 -13.23 -11.64 -26.49
CA SER A 141 -14.39 -11.65 -27.38
C SER A 141 -15.70 -11.64 -26.60
N ALA A 142 -15.74 -11.00 -25.44
CA ALA A 142 -16.94 -11.06 -24.63
C ALA A 142 -16.98 -9.91 -23.63
N ALA A 143 -18.15 -9.31 -23.50
CA ALA A 143 -18.47 -8.49 -22.34
C ALA A 143 -18.90 -9.38 -21.19
N ASN A 144 -18.58 -8.96 -19.97
CA ASN A 144 -18.85 -9.80 -18.81
C ASN A 144 -18.87 -8.94 -17.57
N GLY A 145 -19.81 -9.23 -16.67
CA GLY A 145 -19.90 -8.58 -15.38
C GLY A 145 -19.76 -7.06 -15.41
N PHE A 146 -20.68 -6.39 -16.10
CA PHE A 146 -20.73 -4.94 -16.28
C PHE A 146 -19.57 -4.39 -17.11
N CYS A 147 -18.62 -5.23 -17.52
CA CYS A 147 -17.43 -4.78 -18.22
C CYS A 147 -17.57 -5.00 -19.72
N VAL A 148 -17.18 -4.00 -20.50
CA VAL A 148 -17.22 -4.07 -21.95
C VAL A 148 -15.82 -4.19 -22.54
N PHE A 149 -14.90 -3.33 -22.10
CA PHE A 149 -13.51 -3.39 -22.51
C PHE A 149 -12.62 -3.45 -21.27
N ASN A 150 -11.60 -4.30 -21.32
CA ASN A 150 -10.70 -4.50 -20.18
C ASN A 150 -9.77 -3.31 -20.09
N ASN A 151 -10.15 -2.34 -19.26
CA ASN A 151 -9.37 -1.10 -19.14
C ASN A 151 -7.96 -1.36 -18.61
N VAL A 152 -7.86 -2.15 -17.54
CA VAL A 152 -6.55 -2.41 -16.93
C VAL A 152 -5.68 -3.23 -17.88
N ALA A 153 -6.28 -4.19 -18.60
CA ALA A 153 -5.51 -4.97 -19.56
C ALA A 153 -4.92 -4.08 -20.65
N PHE A 154 -5.68 -3.07 -21.09
CA PHE A 154 -5.14 -2.11 -22.05
C PHE A 154 -3.89 -1.44 -21.51
N ALA A 155 -3.97 -0.93 -20.27
CA ALA A 155 -2.88 -0.14 -19.71
C ALA A 155 -1.56 -0.91 -19.70
N ALA A 156 -1.60 -2.17 -19.30
CA ALA A 156 -0.38 -2.97 -19.27
C ALA A 156 0.15 -3.22 -20.68
N LEU A 157 -0.71 -3.67 -21.59
CA LEU A 157 -0.31 -3.87 -22.98
C LEU A 157 0.16 -2.56 -23.60
N TYR A 158 -0.58 -1.47 -23.34
CA TYR A 158 -0.21 -0.16 -23.86
C TYR A 158 1.14 0.30 -23.30
N ALA A 159 1.34 0.13 -22.00
CA ALA A 159 2.63 0.49 -21.41
C ALA A 159 3.74 -0.43 -21.87
N LYS A 160 3.42 -1.70 -22.16
CA LYS A 160 4.41 -2.61 -22.71
C LYS A 160 4.88 -2.14 -24.09
N LYS A 161 3.95 -1.73 -24.93
CA LYS A 161 4.29 -1.40 -26.31
C LYS A 161 5.00 -0.05 -26.40
N ASN A 162 4.39 0.99 -25.85
CA ASN A 162 4.86 2.36 -26.08
C ASN A 162 5.96 2.81 -25.13
N TYR A 163 6.30 2.00 -24.12
CA TYR A 163 7.40 2.33 -23.24
C TYR A 163 8.35 1.15 -23.04
N ASN A 164 8.17 0.08 -23.81
CA ASN A 164 8.93 -1.17 -23.75
C ASN A 164 9.30 -1.54 -22.31
N LEU A 165 8.29 -1.83 -21.50
CA LEU A 165 8.50 -2.27 -20.13
C LEU A 165 8.56 -3.79 -20.08
N ASN A 166 9.34 -4.29 -19.12
CA ASN A 166 9.50 -5.73 -18.94
C ASN A 166 8.74 -6.30 -17.75
N ARG A 167 8.27 -5.45 -16.84
CA ARG A 167 7.66 -5.94 -15.60
C ARG A 167 6.58 -4.96 -15.17
N ILE A 168 5.33 -5.40 -15.21
CA ILE A 168 4.19 -4.60 -14.79
C ILE A 168 3.40 -5.40 -13.77
N LEU A 169 3.06 -4.76 -12.65
CA LEU A 169 2.29 -5.40 -11.58
C LEU A 169 0.86 -4.88 -11.61
N ILE A 170 -0.10 -5.79 -11.71
CA ILE A 170 -1.51 -5.47 -11.62
C ILE A 170 -2.04 -6.02 -10.30
N VAL A 171 -2.58 -5.15 -9.46
CA VAL A 171 -3.13 -5.52 -8.17
C VAL A 171 -4.63 -5.30 -8.23
N ASP A 172 -5.40 -6.39 -8.19
CA ASP A 172 -6.85 -6.35 -8.29
C ASP A 172 -7.42 -6.63 -6.90
N TRP A 173 -7.83 -5.57 -6.20
CA TRP A 173 -8.45 -5.73 -4.89
C TRP A 173 -9.96 -5.55 -4.93
N ASP A 174 -10.55 -5.50 -6.13
CA ASP A 174 -11.99 -5.64 -6.26
C ASP A 174 -12.43 -6.94 -5.63
N VAL A 175 -13.69 -6.99 -5.17
CA VAL A 175 -14.17 -8.21 -4.52
C VAL A 175 -14.42 -9.34 -5.50
N HIS A 176 -14.46 -9.05 -6.79
CA HIS A 176 -14.63 -10.07 -7.82
C HIS A 176 -13.30 -10.40 -8.46
N HIS A 177 -13.21 -11.62 -8.99
CA HIS A 177 -12.02 -12.06 -9.70
C HIS A 177 -11.96 -11.42 -11.08
N GLY A 178 -10.82 -10.82 -11.40
CA GLY A 178 -10.64 -10.22 -12.71
C GLY A 178 -10.20 -11.26 -13.74
N GLN A 179 -11.08 -12.21 -14.05
CA GLN A 179 -10.71 -13.31 -14.93
C GLN A 179 -10.32 -12.82 -16.31
N GLY A 180 -10.86 -11.70 -16.76
CA GLY A 180 -10.45 -11.15 -18.04
C GLY A 180 -8.98 -10.75 -18.06
N ILE A 181 -8.50 -10.18 -16.95
CA ILE A 181 -7.08 -9.85 -16.86
C ILE A 181 -6.24 -11.11 -16.77
N GLN A 182 -6.72 -12.11 -16.02
CA GLN A 182 -5.98 -13.36 -15.89
C GLN A 182 -5.89 -14.10 -17.21
N TYR A 183 -7.00 -14.16 -17.95
CA TYR A 183 -6.99 -14.82 -19.26
C TYR A 183 -6.00 -14.16 -20.21
N CYS A 184 -5.91 -12.83 -20.15
CA CYS A 184 -5.15 -12.07 -21.14
C CYS A 184 -3.64 -12.16 -20.90
N PHE A 185 -3.22 -12.28 -19.64
CA PHE A 185 -1.80 -12.39 -19.30
C PHE A 185 -1.46 -13.76 -18.72
N GLU A 186 -2.27 -14.78 -18.99
CA GLU A 186 -2.08 -16.10 -18.39
C GLU A 186 -0.66 -16.62 -18.61
N GLU A 187 -0.16 -16.51 -19.83
CA GLU A 187 1.17 -16.98 -20.19
C GLU A 187 2.19 -15.86 -20.26
N ASP A 188 1.84 -14.65 -19.83
CA ASP A 188 2.76 -13.52 -19.91
C ASP A 188 3.50 -13.36 -18.59
N PRO A 189 4.81 -13.63 -18.55
CA PRO A 189 5.57 -13.43 -17.32
C PRO A 189 5.99 -11.99 -17.08
N SER A 190 5.68 -11.07 -18.00
CA SER A 190 5.99 -9.67 -17.83
C SER A 190 4.89 -8.89 -17.12
N VAL A 191 3.70 -9.45 -17.00
CA VAL A 191 2.58 -8.83 -16.30
C VAL A 191 2.20 -9.76 -15.16
N LEU A 192 2.59 -9.42 -13.94
CA LEU A 192 2.29 -10.23 -12.76
C LEU A 192 0.93 -9.77 -12.21
N TYR A 193 -0.05 -10.65 -12.28
CA TYR A 193 -1.41 -10.35 -11.86
C TYR A 193 -1.68 -10.95 -10.48
N PHE A 194 -2.22 -10.12 -9.58
CA PHE A 194 -2.63 -10.57 -8.26
C PHE A 194 -4.06 -10.10 -8.01
N SER A 195 -4.89 -11.00 -7.50
CA SER A 195 -6.28 -10.66 -7.20
C SER A 195 -6.77 -11.50 -6.04
N TRP A 196 -7.25 -10.85 -4.99
CA TRP A 196 -8.09 -11.52 -4.01
C TRP A 196 -9.55 -11.32 -4.41
N HIS A 197 -10.41 -12.25 -3.98
CA HIS A 197 -11.79 -12.18 -4.43
C HIS A 197 -12.66 -13.10 -3.59
N ARG A 198 -13.93 -12.73 -3.47
CA ARG A 198 -14.93 -13.58 -2.85
C ARG A 198 -15.14 -14.81 -3.73
N TYR A 199 -14.71 -15.97 -3.24
CA TYR A 199 -14.80 -17.22 -3.98
C TYR A 199 -15.85 -18.15 -3.40
N GLU A 200 -15.80 -18.38 -2.08
CA GLU A 200 -16.76 -19.24 -1.38
C GLU A 200 -16.82 -20.63 -2.01
N HIS A 201 -15.64 -21.21 -2.23
CA HIS A 201 -15.50 -22.53 -2.82
C HIS A 201 -16.23 -22.61 -4.16
N GLN A 202 -16.02 -21.58 -4.99
CA GLN A 202 -16.53 -21.49 -6.36
C GLN A 202 -18.04 -21.31 -6.41
N SER A 203 -18.69 -20.99 -5.30
CA SER A 203 -20.12 -20.76 -5.32
C SER A 203 -20.49 -19.31 -5.59
N PHE A 204 -19.52 -18.41 -5.62
CA PHE A 204 -19.76 -17.00 -5.90
C PHE A 204 -19.35 -16.65 -7.32
N TRP A 205 -20.11 -15.74 -7.94
CA TRP A 205 -19.87 -15.34 -9.32
C TRP A 205 -18.44 -14.85 -9.47
N PRO A 206 -17.76 -15.16 -10.60
CA PRO A 206 -18.25 -15.88 -11.78
C PRO A 206 -18.16 -17.42 -11.74
N ASN A 207 -17.89 -18.00 -10.57
CA ASN A 207 -17.91 -19.46 -10.38
C ASN A 207 -16.97 -20.15 -11.37
N LEU A 208 -15.67 -19.89 -11.22
CA LEU A 208 -14.68 -20.47 -12.12
C LEU A 208 -13.66 -21.28 -11.33
N PRO A 209 -13.35 -22.51 -11.75
CA PRO A 209 -12.19 -23.20 -11.16
C PRO A 209 -10.90 -22.43 -11.30
N GLU A 210 -10.74 -21.65 -12.38
CA GLU A 210 -9.51 -20.89 -12.58
C GLU A 210 -9.39 -19.72 -11.60
N SER A 211 -10.47 -19.34 -10.92
CA SER A 211 -10.37 -18.30 -9.90
C SER A 211 -9.71 -18.79 -8.63
N ASP A 212 -9.49 -20.09 -8.49
CA ASP A 212 -8.92 -20.66 -7.28
C ASP A 212 -7.41 -20.40 -7.22
N TYR A 213 -6.82 -20.77 -6.08
CA TYR A 213 -5.38 -20.60 -5.90
C TYR A 213 -4.58 -21.56 -6.77
N SER A 214 -5.22 -22.59 -7.31
CA SER A 214 -4.53 -23.53 -8.19
C SER A 214 -3.91 -22.81 -9.39
N SER A 215 -4.61 -21.82 -9.93
CA SER A 215 -4.23 -21.17 -11.18
C SER A 215 -3.04 -20.24 -10.91
N VAL A 216 -1.83 -20.72 -11.21
CA VAL A 216 -0.62 -19.92 -11.09
C VAL A 216 -0.14 -19.40 -12.42
N GLY A 217 -0.94 -19.54 -13.47
CA GLY A 217 -0.53 -19.20 -14.82
C GLY A 217 -0.12 -20.43 -15.62
N LYS A 218 0.08 -20.21 -16.92
CA LYS A 218 0.41 -21.29 -17.84
C LYS A 218 1.76 -21.04 -18.51
N GLY A 219 2.50 -22.12 -18.74
CA GLY A 219 3.67 -22.06 -19.59
C GLY A 219 4.76 -21.16 -19.05
N LYS A 220 5.26 -20.27 -19.93
CA LYS A 220 6.36 -19.39 -19.58
C LYS A 220 5.99 -18.39 -18.49
N GLY A 221 4.70 -18.16 -18.26
CA GLY A 221 4.28 -17.20 -17.26
C GLY A 221 3.66 -17.85 -16.03
N SER A 222 4.09 -19.06 -15.71
CA SER A 222 3.63 -19.73 -14.51
C SER A 222 4.26 -19.08 -13.28
N GLY A 223 3.47 -18.95 -12.22
CA GLY A 223 3.91 -18.21 -11.05
C GLY A 223 3.77 -16.72 -11.17
N PHE A 224 3.21 -16.21 -12.26
CA PHE A 224 2.94 -14.79 -12.43
C PHE A 224 1.44 -14.49 -12.39
N ASN A 225 0.63 -15.46 -11.97
CA ASN A 225 -0.78 -15.26 -11.68
C ASN A 225 -1.03 -15.76 -10.26
N ILE A 226 -1.52 -14.89 -9.40
CA ILE A 226 -1.70 -15.20 -7.98
C ILE A 226 -3.14 -14.89 -7.60
N ASN A 227 -3.92 -15.92 -7.33
CA ASN A 227 -5.29 -15.78 -6.87
C ASN A 227 -5.36 -16.08 -5.38
N LEU A 228 -5.98 -15.18 -4.61
CA LEU A 228 -6.25 -15.41 -3.20
C LEU A 228 -7.75 -15.51 -3.00
N PRO A 229 -8.31 -16.72 -2.93
CA PRO A 229 -9.77 -16.86 -2.84
C PRO A 229 -10.25 -16.74 -1.39
N TRP A 230 -11.13 -15.77 -1.15
CA TRP A 230 -11.85 -15.72 0.12
C TRP A 230 -13.00 -16.72 0.08
N ASN A 231 -13.03 -17.63 1.05
CA ASN A 231 -14.05 -18.67 1.08
C ASN A 231 -15.13 -18.39 2.13
N LYS A 232 -15.09 -17.21 2.74
CA LYS A 232 -16.14 -16.77 3.65
C LYS A 232 -16.27 -15.26 3.52
N VAL A 233 -17.48 -14.75 3.79
CA VAL A 233 -17.70 -13.31 3.76
C VAL A 233 -17.21 -12.72 5.08
N GLY A 234 -17.33 -11.40 5.22
CA GLY A 234 -16.96 -10.75 6.46
C GLY A 234 -15.47 -10.65 6.71
N MET A 235 -14.67 -10.64 5.64
CA MET A 235 -13.23 -10.46 5.78
C MET A 235 -12.92 -9.07 6.33
N THR A 236 -11.95 -9.00 7.23
CA THR A 236 -11.66 -7.80 8.00
C THR A 236 -10.38 -7.14 7.50
N ASN A 237 -10.05 -5.99 8.11
CA ASN A 237 -8.78 -5.33 7.82
C ASN A 237 -7.60 -6.26 8.07
N SER A 238 -7.72 -7.12 9.09
CA SER A 238 -6.62 -8.04 9.41
C SER A 238 -6.43 -9.06 8.29
N ASP A 239 -7.50 -9.50 7.65
CA ASP A 239 -7.37 -10.42 6.53
C ASP A 239 -6.72 -9.75 5.33
N TYR A 240 -7.11 -8.51 5.04
CA TYR A 240 -6.55 -7.81 3.89
C TYR A 240 -5.06 -7.52 4.08
N LEU A 241 -4.66 -7.13 5.28
CA LEU A 241 -3.25 -6.84 5.52
C LEU A 241 -2.42 -8.12 5.62
N ALA A 242 -2.99 -9.18 6.18
CA ALA A 242 -2.30 -10.47 6.14
C ALA A 242 -2.08 -10.92 4.70
N ALA A 243 -3.04 -10.63 3.82
CA ALA A 243 -2.87 -10.93 2.40
C ALA A 243 -1.70 -10.14 1.81
N PHE A 244 -1.53 -8.89 2.23
CA PHE A 244 -0.45 -8.08 1.71
C PHE A 244 0.90 -8.51 2.29
N PHE A 245 0.97 -8.66 3.61
CA PHE A 245 2.24 -8.95 4.27
C PHE A 245 2.80 -10.31 3.88
N HIS A 246 1.92 -11.29 3.62
CA HIS A 246 2.34 -12.67 3.51
C HIS A 246 2.15 -13.26 2.12
N VAL A 247 1.59 -12.51 1.18
CA VAL A 247 1.47 -13.00 -0.20
C VAL A 247 1.94 -11.93 -1.17
N LEU A 248 1.18 -10.84 -1.26
CA LEU A 248 1.39 -9.86 -2.32
C LEU A 248 2.73 -9.16 -2.20
N LEU A 249 2.94 -8.46 -1.07
CA LEU A 249 4.16 -7.66 -0.92
C LEU A 249 5.44 -8.48 -1.04
N PRO A 250 5.58 -9.66 -0.43
CA PRO A 250 6.81 -10.45 -0.66
C PRO A 250 7.06 -10.73 -2.13
N VAL A 251 6.01 -11.11 -2.86
CA VAL A 251 6.15 -11.36 -4.28
C VAL A 251 6.37 -10.06 -5.04
N ALA A 252 5.63 -9.01 -4.68
CA ALA A 252 5.68 -7.76 -5.43
C ALA A 252 7.05 -7.09 -5.34
N TYR A 253 7.76 -7.27 -4.23
CA TYR A 253 9.05 -6.60 -4.08
C TYR A 253 10.19 -7.41 -4.69
N GLU A 254 10.04 -8.74 -4.79
CA GLU A 254 11.02 -9.52 -5.54
C GLU A 254 10.82 -9.34 -7.05
N PHE A 255 9.57 -9.19 -7.47
CA PHE A 255 9.28 -8.96 -8.88
C PHE A 255 9.85 -7.64 -9.37
N ASP A 256 9.90 -6.62 -8.50
CA ASP A 256 10.37 -5.27 -8.81
C ASP A 256 9.72 -4.75 -10.08
N PRO A 257 8.46 -4.33 -10.01
CA PRO A 257 7.79 -3.84 -11.22
C PRO A 257 8.31 -2.46 -11.62
N GLU A 258 8.25 -2.19 -12.93
CA GLU A 258 8.52 -0.86 -13.44
C GLU A 258 7.29 0.02 -13.46
N LEU A 259 6.12 -0.54 -13.19
CA LEU A 259 4.87 0.20 -13.13
C LEU A 259 3.86 -0.64 -12.38
N VAL A 260 2.98 0.02 -11.63
CA VAL A 260 1.94 -0.64 -10.85
C VAL A 260 0.58 -0.11 -11.31
N ILE A 261 -0.33 -1.01 -11.63
CA ILE A 261 -1.70 -0.68 -11.98
C ILE A 261 -2.63 -1.39 -11.02
N VAL A 262 -3.60 -0.66 -10.46
CA VAL A 262 -4.51 -1.19 -9.47
C VAL A 262 -5.90 -1.28 -10.06
N SER A 263 -6.47 -2.48 -10.08
CA SER A 263 -7.89 -2.67 -10.33
C SER A 263 -8.61 -2.35 -9.02
N ALA A 264 -9.01 -1.09 -8.88
CA ALA A 264 -9.54 -0.58 -7.62
C ALA A 264 -11.06 -0.70 -7.63
N GLY A 265 -11.55 -1.89 -7.27
CA GLY A 265 -12.95 -2.07 -6.95
C GLY A 265 -13.11 -1.98 -5.45
N PHE A 266 -14.08 -1.17 -5.02
CA PHE A 266 -14.32 -0.96 -3.60
C PHE A 266 -15.56 -1.71 -3.11
N ASP A 267 -16.02 -2.70 -3.88
CA ASP A 267 -17.02 -3.63 -3.38
C ASP A 267 -16.44 -4.59 -2.34
N SER A 268 -15.13 -4.52 -2.10
CA SER A 268 -14.48 -5.26 -1.03
C SER A 268 -14.54 -4.51 0.31
N ALA A 269 -15.18 -3.35 0.35
CA ALA A 269 -15.26 -2.52 1.54
C ALA A 269 -16.54 -2.81 2.33
N ILE A 270 -16.53 -2.42 3.61
CA ILE A 270 -17.67 -2.63 4.50
C ILE A 270 -18.96 -2.14 3.85
N GLY A 271 -20.05 -2.83 4.14
CA GLY A 271 -21.37 -2.39 3.74
C GLY A 271 -21.69 -2.56 2.26
N ASP A 272 -20.78 -3.07 1.46
CA ASP A 272 -21.10 -3.28 0.05
C ASP A 272 -22.02 -4.48 -0.09
N PRO A 273 -23.15 -4.36 -0.78
CA PRO A 273 -24.09 -5.48 -0.86
C PRO A 273 -23.58 -6.65 -1.67
N GLU A 274 -22.56 -6.44 -2.50
CA GLU A 274 -22.07 -7.47 -3.41
C GLU A 274 -20.93 -8.27 -2.81
N GLY A 275 -19.99 -7.61 -2.14
CA GLY A 275 -18.84 -8.29 -1.58
C GLY A 275 -19.09 -8.83 -0.18
N GLU A 276 -19.89 -8.10 0.59
CA GLU A 276 -20.26 -8.50 1.96
C GLU A 276 -19.02 -8.71 2.84
N MET A 277 -17.95 -7.99 2.55
CA MET A 277 -16.76 -8.02 3.40
C MET A 277 -16.90 -6.97 4.50
N CYS A 278 -15.88 -6.88 5.36
CA CYS A 278 -15.99 -6.01 6.53
C CYS A 278 -14.79 -5.07 6.71
N ALA A 279 -13.97 -4.89 5.68
CA ALA A 279 -12.84 -3.97 5.81
C ALA A 279 -13.34 -2.52 5.76
N LEU A 280 -12.76 -1.69 6.61
CA LEU A 280 -13.14 -0.29 6.68
C LEU A 280 -12.53 0.49 5.53
N PRO A 281 -13.14 1.61 5.14
CA PRO A 281 -12.57 2.42 4.05
C PRO A 281 -11.13 2.87 4.29
N GLU A 282 -10.71 2.95 5.55
CA GLU A 282 -9.33 3.34 5.84
C GLU A 282 -8.31 2.32 5.37
N ILE A 283 -8.73 1.07 5.16
CA ILE A 283 -7.77 0.03 4.78
C ILE A 283 -7.15 0.34 3.44
N PHE A 284 -7.89 1.01 2.55
CA PHE A 284 -7.35 1.32 1.23
C PHE A 284 -6.31 2.42 1.28
N ALA A 285 -6.29 3.22 2.34
CA ALA A 285 -5.19 4.14 2.54
C ALA A 285 -3.88 3.39 2.70
N HIS A 286 -3.92 2.22 3.33
CA HIS A 286 -2.72 1.44 3.56
C HIS A 286 -2.42 0.50 2.41
N LEU A 287 -3.45 -0.11 1.80
CA LEU A 287 -3.22 -0.89 0.58
C LEU A 287 -2.56 -0.04 -0.48
N THR A 288 -2.96 1.22 -0.59
CA THR A 288 -2.28 2.15 -1.50
C THR A 288 -0.87 2.48 -0.99
N HIS A 289 -0.76 2.83 0.28
CA HIS A 289 0.52 3.28 0.82
C HIS A 289 1.59 2.20 0.73
N LEU A 290 1.23 0.95 1.03
CA LEU A 290 2.21 -0.12 1.03
C LEU A 290 2.74 -0.44 -0.37
N LEU A 291 2.03 -0.01 -1.42
CA LEU A 291 2.45 -0.29 -2.79
C LEU A 291 3.27 0.82 -3.41
N MET A 292 3.22 2.04 -2.87
CA MET A 292 3.85 3.19 -3.51
C MET A 292 5.38 3.18 -3.51
N PRO A 293 6.08 2.47 -2.61
CA PRO A 293 7.52 2.29 -2.80
C PRO A 293 7.89 1.51 -4.06
N LEU A 294 6.94 0.84 -4.69
CA LEU A 294 7.23 0.06 -5.89
C LEU A 294 7.27 0.96 -7.11
N ALA A 295 8.19 0.65 -8.04
CA ALA A 295 8.29 1.34 -9.33
C ALA A 295 8.44 2.84 -9.16
N ALA A 296 9.18 3.26 -8.13
CA ALA A 296 9.42 4.68 -7.85
C ALA A 296 8.12 5.47 -7.73
N GLY A 297 7.07 4.81 -7.26
CA GLY A 297 5.78 5.45 -7.06
C GLY A 297 4.88 5.50 -8.29
N LYS A 298 5.37 5.08 -9.44
CA LYS A 298 4.56 5.08 -10.66
C LYS A 298 3.39 4.13 -10.51
N MET A 299 2.23 4.66 -10.14
CA MET A 299 1.06 3.86 -9.80
C MET A 299 -0.19 4.49 -10.40
N CYS A 300 -0.94 3.69 -11.16
CA CYS A 300 -2.16 4.14 -11.83
C CYS A 300 -3.34 3.36 -11.29
N VAL A 301 -4.20 4.04 -10.53
CA VAL A 301 -5.37 3.43 -9.91
C VAL A 301 -6.56 3.60 -10.85
N VAL A 302 -7.23 2.49 -11.16
CA VAL A 302 -8.36 2.50 -12.10
C VAL A 302 -9.57 1.91 -11.39
N LEU A 303 -10.68 2.66 -11.40
CA LEU A 303 -11.89 2.24 -10.71
C LEU A 303 -12.49 1.01 -11.39
N GLU A 304 -13.10 0.15 -10.57
CA GLU A 304 -13.79 -1.04 -11.07
C GLU A 304 -15.19 -1.12 -10.46
N GLY A 305 -15.31 -1.82 -9.33
CA GLY A 305 -16.56 -1.99 -8.63
C GLY A 305 -16.67 -1.14 -7.39
N GLY A 306 -17.74 -1.37 -6.64
CA GLY A 306 -18.07 -0.59 -5.46
C GLY A 306 -19.47 -0.01 -5.57
N TYR A 307 -20.39 -0.50 -4.74
CA TYR A 307 -21.81 -0.27 -4.99
C TYR A 307 -22.58 0.33 -3.82
N ASN A 308 -22.09 0.25 -2.59
CA ASN A 308 -22.65 1.04 -1.50
C ASN A 308 -22.11 2.45 -1.65
N LEU A 309 -22.99 3.40 -1.97
CA LEU A 309 -22.53 4.72 -2.40
C LEU A 309 -21.81 5.47 -1.30
N THR A 310 -22.16 5.20 -0.04
CA THR A 310 -21.41 5.77 1.08
C THR A 310 -20.07 5.06 1.26
N SER A 311 -20.10 3.74 1.35
CA SER A 311 -18.86 2.98 1.36
C SER A 311 -17.96 3.34 0.19
N LEU A 312 -18.53 3.65 -0.97
CA LEU A 312 -17.71 3.92 -2.16
C LEU A 312 -16.98 5.25 -2.06
N GLY A 313 -17.69 6.33 -1.71
CA GLY A 313 -17.05 7.63 -1.62
C GLY A 313 -15.95 7.67 -0.59
N GLN A 314 -16.16 7.03 0.56
CA GLN A 314 -15.16 7.06 1.62
C GLN A 314 -13.89 6.33 1.18
N SER A 315 -14.03 5.19 0.49
CA SER A 315 -12.87 4.43 0.07
C SER A 315 -12.08 5.15 -1.02
N VAL A 316 -12.77 5.89 -1.89
CA VAL A 316 -12.09 6.64 -2.94
C VAL A 316 -11.22 7.74 -2.32
N CYS A 317 -11.79 8.49 -1.37
CA CYS A 317 -11.03 9.58 -0.74
C CYS A 317 -9.81 9.05 0.00
N GLN A 318 -9.93 7.89 0.65
CA GLN A 318 -8.79 7.32 1.35
C GLN A 318 -7.67 6.91 0.39
N THR A 319 -8.03 6.55 -0.84
CA THR A 319 -7.02 6.16 -1.83
C THR A 319 -6.31 7.38 -2.39
N VAL A 320 -7.07 8.42 -2.76
CA VAL A 320 -6.46 9.64 -3.29
C VAL A 320 -5.65 10.35 -2.21
N HIS A 321 -6.10 10.29 -0.96
CA HIS A 321 -5.35 10.85 0.15
C HIS A 321 -3.94 10.28 0.20
N SER A 322 -3.83 8.94 0.20
CA SER A 322 -2.52 8.31 0.21
C SER A 322 -1.77 8.54 -1.09
N LEU A 323 -2.49 8.68 -2.21
CA LEU A 323 -1.85 9.02 -3.47
C LEU A 323 -1.17 10.39 -3.39
N LEU A 324 -1.84 11.35 -2.76
CA LEU A 324 -1.26 12.68 -2.55
C LEU A 324 -0.22 12.70 -1.45
N GLY A 325 -0.01 11.59 -0.73
CA GLY A 325 0.98 11.51 0.31
C GLY A 325 0.54 12.00 1.67
N ASP A 326 -0.77 12.18 1.89
CA ASP A 326 -1.24 12.59 3.20
C ASP A 326 -1.01 11.48 4.22
N PRO A 327 -0.95 11.83 5.51
CA PRO A 327 -0.71 10.80 6.53
C PRO A 327 -1.80 9.73 6.52
N THR A 328 -1.40 8.51 6.84
CA THR A 328 -2.32 7.39 6.86
C THR A 328 -3.07 7.34 8.19
N PRO A 329 -4.32 6.88 8.19
CA PRO A 329 -5.04 6.73 9.46
C PRO A 329 -4.50 5.54 10.25
N ARG A 330 -4.48 5.70 11.57
CA ARG A 330 -4.14 4.58 12.44
C ARG A 330 -5.23 3.53 12.37
N ILE A 331 -4.84 2.27 12.18
CA ILE A 331 -5.78 1.16 12.10
C ILE A 331 -5.77 0.46 13.45
N SER A 332 -6.92 0.50 14.14
CA SER A 332 -7.06 -0.12 15.45
C SER A 332 -7.78 -1.46 15.33
N GLY A 333 -7.51 -2.34 16.28
CA GLY A 333 -8.20 -3.62 16.35
C GLY A 333 -7.61 -4.72 15.50
N LEU A 334 -6.39 -4.55 14.97
CA LEU A 334 -5.81 -5.57 14.12
C LEU A 334 -5.40 -6.79 14.93
N GLY A 335 -5.48 -7.95 14.30
CA GLY A 335 -5.11 -9.19 14.94
C GLY A 335 -4.89 -10.27 13.90
N THR A 336 -5.13 -11.52 14.28
CA THR A 336 -4.93 -12.62 13.37
C THR A 336 -6.02 -12.65 12.30
N ALA A 337 -5.69 -13.20 11.15
CA ALA A 337 -6.70 -13.46 10.14
C ALA A 337 -7.59 -14.62 10.58
N CYS A 338 -8.78 -14.67 10.00
CA CYS A 338 -9.67 -15.78 10.31
C CYS A 338 -9.09 -17.09 9.79
N ASP A 339 -9.64 -18.20 10.27
CA ASP A 339 -9.12 -19.51 9.89
C ASP A 339 -9.27 -19.74 8.39
N SER A 340 -10.37 -19.26 7.79
CA SER A 340 -10.56 -19.43 6.36
C SER A 340 -9.55 -18.61 5.56
N ALA A 341 -9.30 -17.38 5.98
CA ALA A 341 -8.27 -16.57 5.32
C ALA A 341 -6.91 -17.23 5.47
N LEU A 342 -6.54 -17.59 6.70
CA LEU A 342 -5.29 -18.31 6.92
C LEU A 342 -5.21 -19.58 6.08
N GLU A 343 -6.35 -20.23 5.81
CA GLU A 343 -6.34 -21.42 4.98
C GLU A 343 -5.95 -21.11 3.54
N SER A 344 -6.51 -20.04 2.97
CA SER A 344 -6.20 -19.63 1.59
C SER A 344 -4.84 -18.93 1.51
N ILE A 345 -4.46 -18.16 2.54
CA ILE A 345 -3.08 -17.68 2.62
C ILE A 345 -2.11 -18.86 2.57
N GLN A 346 -2.37 -19.88 3.39
CA GLN A 346 -1.52 -21.06 3.45
C GLN A 346 -1.39 -21.73 2.08
N ASN A 347 -2.51 -21.92 1.39
CA ASN A 347 -2.49 -22.70 0.15
C ASN A 347 -1.76 -21.95 -0.96
N VAL A 348 -1.98 -20.63 -1.06
CA VAL A 348 -1.34 -19.85 -2.12
C VAL A 348 0.17 -19.86 -1.94
N ARG A 349 0.64 -19.61 -0.71
CA ARG A 349 2.07 -19.62 -0.45
C ARG A 349 2.68 -20.99 -0.77
N ASN A 350 1.93 -22.06 -0.55
CA ASN A 350 2.46 -23.40 -0.80
C ASN A 350 2.62 -23.65 -2.30
N VAL A 351 1.59 -23.34 -3.09
CA VAL A 351 1.67 -23.60 -4.52
C VAL A 351 2.62 -22.63 -5.21
N GLN A 352 2.69 -21.39 -4.74
CA GLN A 352 3.62 -20.41 -5.32
C GLN A 352 5.06 -20.65 -4.88
N SER A 353 5.29 -21.56 -3.94
CA SER A 353 6.65 -21.79 -3.42
C SER A 353 7.59 -22.28 -4.51
N SER A 354 7.08 -22.81 -5.61
CA SER A 354 7.94 -23.25 -6.71
C SER A 354 8.54 -22.08 -7.48
N TYR A 355 8.00 -20.88 -7.30
CA TYR A 355 8.33 -19.76 -8.18
C TYR A 355 8.91 -18.54 -7.49
N TRP A 356 8.66 -18.34 -6.19
CA TRP A 356 9.00 -17.10 -5.51
C TRP A 356 9.87 -17.37 -4.28
N SER A 357 10.91 -16.55 -4.11
CA SER A 357 11.95 -16.87 -3.13
C SER A 357 11.44 -16.76 -1.71
N SER A 358 10.62 -15.74 -1.41
CA SER A 358 10.11 -15.57 -0.06
C SER A 358 9.26 -16.76 0.39
N PHE A 359 8.85 -17.62 -0.54
CA PHE A 359 8.11 -18.84 -0.20
C PHE A 359 8.94 -20.11 -0.36
N LYS A 360 10.11 -20.06 -1.00
CA LYS A 360 10.81 -21.29 -1.38
C LYS A 360 11.11 -22.19 -0.19
N HIS A 361 11.41 -21.59 0.97
CA HIS A 361 11.72 -22.39 2.15
C HIS A 361 10.57 -23.31 2.56
N LEU A 362 9.39 -23.12 2.00
CA LEU A 362 8.23 -23.99 2.26
C LEU A 362 8.13 -25.13 1.26
N ALA A 363 9.25 -25.76 0.91
CA ALA A 363 9.24 -26.84 -0.08
C ALA A 363 10.13 -28.00 0.35
N ILE A 400 -26.21 -1.60 7.92
CA ILE A 400 -24.77 -1.75 8.09
C ILE A 400 -24.12 -0.38 8.20
N VAL A 401 -23.74 0.01 9.42
CA VAL A 401 -23.16 1.32 9.67
C VAL A 401 -21.75 1.14 10.24
N TRP A 402 -20.93 2.15 10.03
CA TRP A 402 -19.58 2.23 10.57
C TRP A 402 -19.24 3.70 10.77
N PRO A 403 -18.32 4.02 11.67
CA PRO A 403 -17.99 5.43 11.92
C PRO A 403 -17.40 6.10 10.69
N GLU A 404 -17.56 7.41 10.63
CA GLU A 404 -16.96 8.19 9.56
C GLU A 404 -15.48 8.39 9.84
N PRO A 405 -14.59 8.15 8.87
CA PRO A 405 -13.16 8.23 9.14
C PRO A 405 -12.74 9.61 9.61
N LEU A 406 -11.77 9.64 10.53
CA LEU A 406 -11.24 10.90 11.02
C LEU A 406 -10.59 11.68 9.88
N LYS A 407 -10.55 13.00 10.03
CA LYS A 407 -10.06 13.87 8.97
C LYS A 407 -8.58 13.65 8.73
N ARG A 408 -8.22 13.43 7.47
CA ARG A 408 -6.83 13.30 7.05
C ARG A 408 -6.37 14.62 6.44
N MET A 409 -5.14 15.02 6.77
CA MET A 409 -4.64 16.30 6.28
C MET A 409 -3.12 16.30 6.35
N PRO A 410 -2.43 16.82 5.35
CA PRO A 410 -0.98 16.93 5.43
C PRO A 410 -0.58 17.99 6.45
N ALA A 411 0.59 17.80 7.06
CA ALA A 411 1.11 18.78 7.98
C ALA A 411 1.54 20.04 7.24
N SER A 412 1.52 21.17 7.94
CA SER A 412 2.00 22.42 7.36
C SER A 412 3.38 22.26 6.78
N VAL A 413 4.29 21.68 7.55
CA VAL A 413 5.60 21.23 7.08
C VAL A 413 5.72 19.76 7.44
N ARG A 414 5.95 18.91 6.44
CA ARG A 414 5.94 17.48 6.67
C ARG A 414 7.11 17.04 7.53
N THR A 415 8.32 17.47 7.18
CA THR A 415 9.54 16.99 7.81
C THR A 415 10.37 18.16 8.31
N VAL A 416 10.94 18.00 9.50
CA VAL A 416 11.86 18.98 10.06
C VAL A 416 13.22 18.30 10.25
N VAL A 417 14.28 18.97 9.82
CA VAL A 417 15.63 18.41 9.77
C VAL A 417 16.52 19.20 10.72
N VAL A 418 17.28 18.47 11.53
CA VAL A 418 18.27 19.11 12.41
C VAL A 418 19.63 18.51 12.12
N PRO A 419 20.39 19.07 11.18
CA PRO A 419 21.75 18.61 10.94
C PRO A 419 22.70 19.21 11.95
N PRO A 420 23.95 18.73 12.00
CA PRO A 420 24.94 19.33 12.91
C PRO A 420 25.10 20.81 12.66
N PRO A 421 25.59 21.58 13.64
CA PRO A 421 25.66 23.03 13.48
C PRO A 421 26.63 23.44 12.37
N GLY A 422 26.24 24.46 11.63
CA GLY A 422 27.05 24.92 10.52
C GLY A 422 27.03 24.03 9.30
N VAL A 423 26.10 23.08 9.22
CA VAL A 423 25.96 22.20 8.07
C VAL A 423 24.70 22.64 7.34
N GLU A 424 24.88 23.38 6.24
CA GLU A 424 23.78 23.77 5.38
C GLU A 424 23.51 22.67 4.36
N LEU A 425 22.23 22.35 4.18
CA LEU A 425 21.83 21.28 3.28
C LEU A 425 20.68 21.73 2.40
N THR A 426 20.70 21.28 1.15
CA THR A 426 19.56 21.49 0.26
C THR A 426 18.42 20.58 0.69
N LEU A 427 17.27 21.17 1.01
CA LEU A 427 16.14 20.41 1.49
C LEU A 427 14.95 20.56 0.56
N PRO A 428 14.13 19.52 0.43
CA PRO A 428 12.90 19.63 -0.38
C PRO A 428 11.99 20.75 0.14
N LYS A 429 10.98 21.05 -0.67
CA LYS A 429 10.11 22.20 -0.42
C LYS A 429 9.27 22.07 0.84
N ASN A 430 9.16 20.87 1.42
CA ASN A 430 8.36 20.63 2.61
C ASN A 430 9.22 20.16 3.78
N CYS A 431 10.42 20.71 3.91
CA CYS A 431 11.34 20.35 4.98
C CYS A 431 12.09 21.57 5.48
N GLN A 432 11.99 21.84 6.78
CA GLN A 432 12.66 22.99 7.39
C GLN A 432 13.76 22.51 8.34
N HIS A 433 14.36 23.47 9.02
CA HIS A 433 15.39 23.21 10.02
C HIS A 433 14.84 23.49 11.42
N SER A 434 15.52 22.92 12.41
CA SER A 434 15.19 23.11 13.82
C SER A 434 13.73 22.78 14.14
N ASP A 436 15.59 26.70 16.68
CA ASP A 436 15.05 27.85 17.38
C ASP A 436 14.34 27.44 18.67
N ILE A 437 15.11 26.90 19.60
CA ILE A 437 14.56 26.45 20.88
C ILE A 437 14.06 27.65 21.67
N SER A 438 12.82 27.58 22.15
CA SER A 438 12.22 28.69 22.87
C SER A 438 12.41 28.48 24.37
N GLU A 439 11.96 29.47 25.16
CA GLU A 439 12.31 29.54 26.58
C GLU A 439 11.79 28.34 27.35
N SER A 440 10.52 27.97 27.14
CA SER A 440 9.92 26.87 27.90
C SER A 440 10.57 25.54 27.54
N THR A 441 10.85 25.32 26.25
CA THR A 441 11.55 24.11 25.85
C THR A 441 12.96 24.08 26.43
N ALA A 442 13.64 25.24 26.44
CA ALA A 442 15.00 25.29 26.98
C ALA A 442 15.02 25.01 28.47
N LYS A 443 13.98 25.41 29.20
CA LYS A 443 13.92 25.12 30.63
C LYS A 443 13.67 23.63 30.89
N GLU A 444 13.00 22.94 29.97
CA GLU A 444 12.71 21.52 30.17
C GLU A 444 13.99 20.69 30.11
N VAL A 445 14.90 21.01 29.20
CA VAL A 445 16.17 20.29 29.13
C VAL A 445 16.99 20.54 30.39
N GLN A 446 16.87 21.74 30.97
CA GLN A 446 17.54 22.03 32.22
C GLN A 446 16.98 21.19 33.36
N ARG A 447 15.65 21.05 33.42
CA ARG A 447 15.04 20.22 34.45
C ARG A 447 15.47 18.76 34.30
N ILE A 448 15.50 18.26 33.07
CA ILE A 448 15.89 16.87 32.82
C ILE A 448 17.34 16.65 33.20
N ARG A 449 18.21 17.63 32.91
CA ARG A 449 19.64 17.46 33.15
C ARG A 449 19.93 17.19 34.62
N ASP A 450 19.41 18.05 35.51
CA ASP A 450 19.71 17.92 36.93
C ASP A 450 19.16 16.64 37.54
N LYS A 451 18.17 16.01 36.91
CA LYS A 451 17.54 14.84 37.49
C LYS A 451 18.25 13.54 37.12
N HIS A 452 18.57 13.35 35.83
CA HIS A 452 19.11 12.09 35.36
C HIS A 452 20.51 12.18 34.76
N PHE A 453 21.02 13.38 34.47
CA PHE A 453 22.33 13.55 33.86
C PHE A 453 23.07 14.68 34.59
N HIS A 454 23.52 14.39 35.81
CA HIS A 454 24.19 15.41 36.61
C HIS A 454 25.54 15.79 36.00
N ASP A 455 26.29 14.81 35.49
CA ASP A 455 27.62 15.05 34.95
C ASP A 455 27.62 15.51 33.50
N LEU A 456 26.47 15.52 32.84
CA LEU A 456 26.39 15.92 31.43
C LEU A 456 26.66 17.42 31.32
N THR A 457 27.87 17.77 30.90
CA THR A 457 28.25 19.17 30.72
C THR A 457 28.45 19.57 29.26
N ASP A 458 28.56 18.60 28.35
CA ASP A 458 28.72 18.89 26.94
C ASP A 458 27.52 19.67 26.42
N GLN A 459 27.77 20.89 25.93
CA GLN A 459 26.71 21.74 25.43
C GLN A 459 26.26 21.38 24.01
N ASN A 460 26.92 20.41 23.37
CA ASN A 460 26.44 19.93 22.08
C ASN A 460 25.30 18.93 22.26
N ILE A 461 25.44 18.01 23.22
CA ILE A 461 24.35 17.09 23.54
C ILE A 461 23.12 17.87 24.02
N LEU A 462 23.34 18.90 24.84
CA LEU A 462 22.23 19.66 25.40
C LEU A 462 21.42 20.37 24.32
N ARG A 463 22.05 20.73 23.20
CA ARG A 463 21.31 21.32 22.09
C ARG A 463 20.53 20.28 21.30
N SER A 464 21.06 19.05 21.21
CA SER A 464 20.34 17.98 20.54
C SER A 464 19.06 17.62 21.29
N LEU A 465 19.14 17.57 22.63
CA LEU A 465 17.94 17.29 23.42
C LEU A 465 16.95 18.44 23.36
N GLY A 466 17.43 19.67 23.22
CA GLY A 466 16.52 20.79 23.02
C GLY A 466 15.76 20.69 21.72
N ASN A 467 16.42 20.20 20.67
CA ASN A 467 15.74 20.03 19.38
C ASN A 467 14.80 18.84 19.40
N ILE A 468 15.24 17.71 19.97
CA ILE A 468 14.41 16.50 20.05
C ILE A 468 13.06 16.84 20.69
N ILE A 469 13.09 17.56 21.80
CA ILE A 469 11.86 17.91 22.49
C ILE A 469 11.00 18.83 21.63
N SER A 470 11.63 19.85 21.02
CA SER A 470 10.86 20.85 20.30
C SER A 470 10.23 20.30 19.04
N VAL A 471 10.91 19.38 18.34
CA VAL A 471 10.30 18.79 17.15
C VAL A 471 9.25 17.76 17.55
N LEU A 472 9.52 16.98 18.60
CA LEU A 472 8.49 16.08 19.13
C LEU A 472 7.27 16.87 19.59
N ASP A 473 7.49 18.02 20.23
CA ASP A 473 6.38 18.90 20.59
C ASP A 473 5.59 19.31 19.35
N ARG A 474 6.29 19.59 18.25
CA ARG A 474 5.61 20.05 17.03
C ARG A 474 4.96 18.89 16.28
N MET A 475 5.46 17.67 16.46
CA MET A 475 4.84 16.51 15.81
C MET A 475 3.56 16.10 16.52
N MET A 476 3.64 15.92 17.84
CA MET A 476 2.54 15.31 18.59
C MET A 476 1.38 16.28 18.76
N ARG A 477 1.62 17.40 19.45
CA ARG A 477 0.54 18.30 19.82
C ARG A 477 0.24 19.36 18.76
N SER A 478 1.28 19.94 18.16
CA SER A 478 1.10 21.10 17.30
C SER A 478 0.41 20.78 15.98
N ASP A 479 0.54 19.54 15.48
CA ASP A 479 -0.08 19.10 14.24
C ASP A 479 0.37 19.91 13.02
N GLU A 480 1.31 20.84 13.20
CA GLU A 480 1.89 21.57 12.07
C GLU A 480 3.03 20.81 11.42
N VAL A 481 3.68 19.91 12.16
CA VAL A 481 4.76 19.07 11.66
C VAL A 481 4.34 17.62 11.74
N CYS A 482 4.69 16.83 10.72
CA CYS A 482 4.34 15.40 10.70
C CYS A 482 5.47 14.58 11.31
N ASN A 483 6.63 14.56 10.65
CA ASN A 483 7.77 13.81 11.17
C ASN A 483 9.03 14.68 11.18
N GLY A 484 10.16 14.09 11.53
CA GLY A 484 11.39 14.85 11.62
C GLY A 484 12.58 13.93 11.81
N CYS A 485 13.76 14.51 11.63
CA CYS A 485 15.00 13.75 11.71
C CYS A 485 16.09 14.62 12.32
N VAL A 486 16.74 14.09 13.36
CA VAL A 486 17.72 14.85 14.14
C VAL A 486 19.00 14.02 14.26
N VAL A 487 20.14 14.64 13.98
CA VAL A 487 21.44 14.01 14.10
C VAL A 487 21.96 14.21 15.52
N VAL A 488 22.42 13.13 16.15
CA VAL A 488 22.73 13.14 17.57
C VAL A 488 24.20 12.79 17.78
N SER A 489 24.67 13.05 19.00
CA SER A 489 26.05 12.77 19.39
C SER A 489 26.08 11.56 20.32
N ASP A 490 25.55 11.68 21.53
CA ASP A 490 25.44 10.56 22.45
C ASP A 490 24.13 9.82 22.20
N LEU A 491 24.22 8.51 22.00
CA LEU A 491 23.02 7.74 21.72
C LEU A 491 22.24 7.42 22.99
N SER A 492 22.93 7.09 24.07
CA SER A 492 22.26 6.68 25.31
C SER A 492 21.35 7.79 25.83
N VAL A 493 21.89 8.99 26.01
CA VAL A 493 21.09 10.10 26.52
C VAL A 493 20.00 10.49 25.53
N SER A 494 20.32 10.49 24.23
CA SER A 494 19.36 10.94 23.23
C SER A 494 18.10 10.07 23.24
N VAL A 495 18.26 8.76 23.36
CA VAL A 495 17.12 7.86 23.27
C VAL A 495 16.17 8.06 24.45
N GLN A 496 16.73 8.17 25.67
CA GLN A 496 15.87 8.31 26.85
C GLN A 496 14.95 9.51 26.74
N CYS A 497 15.51 10.69 26.50
CA CYS A 497 14.70 11.90 26.42
C CYS A 497 13.66 11.79 25.30
N ALA A 498 14.08 11.31 24.12
CA ALA A 498 13.14 11.17 23.02
C ALA A 498 11.98 10.24 23.38
N LEU A 499 12.29 9.09 24.00
CA LEU A 499 11.25 8.12 24.34
C LEU A 499 10.44 8.57 25.55
N GLN A 500 11.13 9.01 26.61
CA GLN A 500 10.41 9.39 27.82
C GLN A 500 9.55 10.63 27.59
N HIS A 501 10.05 11.61 26.84
CA HIS A 501 9.23 12.76 26.51
C HIS A 501 8.08 12.39 25.57
N ALA A 502 8.23 11.30 24.81
CA ALA A 502 7.15 10.86 23.95
C ALA A 502 6.00 10.28 24.76
N LEU A 503 6.31 9.48 25.78
CA LEU A 503 5.28 8.75 26.53
C LEU A 503 4.44 9.67 27.40
N THR A 504 5.00 10.79 27.87
CA THR A 504 4.28 11.69 28.76
C THR A 504 3.53 12.79 28.04
N GLU A 505 3.73 12.94 26.73
CA GLU A 505 3.15 14.02 25.94
C GLU A 505 1.63 14.02 25.83
N PRO A 506 0.94 12.86 25.83
CA PRO A 506 1.30 11.44 25.88
C PRO A 506 1.31 10.71 24.54
N ALA A 507 2.07 9.63 24.48
CA ALA A 507 2.03 8.68 23.37
C ALA A 507 1.65 7.33 23.96
N GLU A 508 0.43 6.87 23.67
CA GLU A 508 -0.07 5.62 24.23
C GLU A 508 0.90 4.47 24.00
N ARG A 509 1.43 4.38 22.78
CA ARG A 509 2.38 3.34 22.42
C ARG A 509 3.48 3.94 21.56
N VAL A 510 4.68 3.39 21.68
CA VAL A 510 5.82 3.86 20.91
C VAL A 510 6.57 2.65 20.37
N LEU A 511 6.66 2.55 19.04
CA LEU A 511 7.46 1.52 18.39
C LEU A 511 8.86 2.06 18.14
N VAL A 512 9.87 1.32 18.56
CA VAL A 512 11.27 1.72 18.44
C VAL A 512 11.96 0.77 17.47
N VAL A 513 12.54 1.35 16.41
CA VAL A 513 13.25 0.59 15.38
C VAL A 513 14.70 1.04 15.41
N TYR A 514 15.60 0.14 15.77
CA TYR A 514 16.98 0.48 16.09
C TYR A 514 17.93 -0.42 15.31
N VAL A 515 18.83 0.19 14.55
CA VAL A 515 19.86 -0.53 13.80
C VAL A 515 21.18 -0.34 14.56
N GLY A 516 21.53 -1.32 15.37
CA GLY A 516 22.75 -1.25 16.16
C GLY A 516 22.89 -2.49 17.00
N ASP A 517 24.05 -2.57 17.68
CA ASP A 517 24.43 -3.78 18.39
C ASP A 517 24.41 -3.65 19.91
N GLY A 518 24.45 -2.45 20.45
CA GLY A 518 24.49 -2.26 21.88
C GLY A 518 23.14 -2.50 22.53
N GLU A 519 23.09 -2.20 23.82
CA GLU A 519 21.84 -2.18 24.57
C GLU A 519 21.35 -0.74 24.68
N LEU A 520 20.02 -0.59 24.70
CA LEU A 520 19.49 0.77 24.77
C LEU A 520 18.65 0.95 26.02
N PRO A 521 18.62 2.16 26.56
CA PRO A 521 17.74 2.45 27.70
C PRO A 521 16.26 2.39 27.33
N VAL A 522 15.78 1.19 27.00
CA VAL A 522 14.40 0.97 26.58
C VAL A 522 13.83 -0.17 27.41
N LYS A 523 12.86 0.14 28.27
CA LYS A 523 12.19 -0.87 29.08
C LYS A 523 10.97 -1.37 28.32
N THR A 524 10.90 -2.68 28.10
CA THR A 524 9.91 -3.25 27.20
C THR A 524 8.94 -4.20 27.92
N ASN A 525 8.43 -3.80 29.08
CA ASN A 525 7.59 -4.68 29.88
C ASN A 525 6.18 -4.17 30.13
N ASP A 526 5.97 -2.86 30.16
CA ASP A 526 4.65 -2.32 30.48
C ASP A 526 3.67 -2.36 29.30
N GLY A 527 4.03 -3.04 28.21
CA GLY A 527 3.19 -3.04 27.04
C GLY A 527 3.03 -1.71 26.35
N LYS A 528 3.87 -0.73 26.69
CA LYS A 528 3.83 0.59 26.07
C LYS A 528 4.83 0.76 24.94
N VAL A 529 5.82 -0.12 24.85
CA VAL A 529 6.94 0.02 23.93
C VAL A 529 7.22 -1.32 23.27
N PHE A 530 7.38 -1.31 21.95
CA PHE A 530 7.88 -2.46 21.21
C PHE A 530 9.19 -2.07 20.53
N LEU A 531 10.18 -2.94 20.64
CA LEU A 531 11.53 -2.66 20.13
C LEU A 531 11.87 -3.62 19.00
N VAL A 532 12.20 -3.07 17.85
CA VAL A 532 12.79 -3.81 16.75
C VAL A 532 14.27 -3.47 16.69
N GLN A 533 15.13 -4.48 16.75
CA GLN A 533 16.57 -4.28 16.71
C GLN A 533 17.16 -5.10 15.58
N ILE A 534 17.92 -4.44 14.71
CA ILE A 534 18.67 -5.09 13.63
C ILE A 534 20.13 -5.03 14.02
N CYS A 535 20.74 -6.18 14.29
CA CYS A 535 22.06 -6.24 14.88
C CYS A 535 22.95 -7.20 14.09
N THR A 536 24.23 -7.20 14.45
CA THR A 536 25.22 -8.08 13.86
C THR A 536 25.64 -9.22 14.77
N LYS A 537 25.18 -9.23 16.02
CA LYS A 537 25.50 -10.27 16.98
C LYS A 537 24.25 -11.08 17.30
N GLU A 538 24.38 -12.40 17.24
CA GLU A 538 23.25 -13.27 17.58
C GLU A 538 22.88 -13.10 19.04
N THR A 539 21.58 -12.97 19.31
CA THR A 539 21.09 -12.71 20.65
C THR A 539 19.77 -13.44 20.88
N GLU A 540 19.57 -13.90 22.10
CA GLU A 540 18.33 -14.55 22.49
C GLU A 540 17.34 -13.52 22.99
N ASP A 541 16.07 -13.71 22.63
CA ASP A 541 14.99 -12.82 23.05
C ASP A 541 13.99 -13.61 23.88
N LYS A 542 13.75 -13.16 25.11
CA LYS A 542 12.71 -13.74 25.95
C LYS A 542 11.45 -12.89 26.00
N CYS A 543 11.59 -11.57 25.89
CA CYS A 543 10.43 -10.70 25.84
C CYS A 543 9.68 -10.89 24.53
N VAL A 544 8.35 -10.93 24.62
CA VAL A 544 7.52 -11.02 23.43
C VAL A 544 7.18 -9.64 22.89
N ASN A 545 7.70 -8.57 23.50
CA ASN A 545 7.59 -7.22 22.98
C ASN A 545 8.91 -6.74 22.38
N ARG A 546 9.77 -7.67 21.97
CA ARG A 546 11.05 -7.35 21.33
C ARG A 546 11.25 -8.29 20.15
N LEU A 547 11.80 -7.74 19.06
CA LEU A 547 12.11 -8.51 17.87
C LEU A 547 13.53 -8.14 17.44
N THR A 548 14.49 -9.04 17.69
CA THR A 548 15.87 -8.84 17.27
C THR A 548 16.16 -9.69 16.05
N LEU A 549 16.76 -9.06 15.03
CA LEU A 549 17.13 -9.72 13.80
C LEU A 549 18.64 -9.59 13.64
N CYS A 550 19.35 -10.70 13.81
CA CYS A 550 20.79 -10.74 13.53
C CYS A 550 20.96 -11.29 12.12
N LEU A 551 20.98 -10.40 11.15
CA LEU A 551 21.06 -10.80 9.75
C LEU A 551 22.52 -11.03 9.37
N ARG A 552 22.78 -12.15 8.69
CA ARG A 552 24.14 -12.48 8.31
C ARG A 552 24.73 -11.41 7.39
N GLU A 553 25.94 -10.96 7.73
CA GLU A 553 26.61 -9.96 6.91
C GLU A 553 27.05 -10.58 5.59
N GLY A 554 26.72 -9.90 4.50
CA GLY A 554 27.08 -10.38 3.18
C GLY A 554 26.26 -9.67 2.13
N GLU A 555 26.39 -10.14 0.88
CA GLU A 555 25.52 -9.66 -0.18
C GLU A 555 24.06 -9.96 0.14
N SER A 556 23.82 -11.08 0.83
CA SER A 556 22.48 -11.48 1.24
C SER A 556 21.73 -10.42 2.03
N LEU A 557 22.43 -9.42 2.56
CA LEU A 557 21.87 -8.60 3.64
C LEU A 557 20.57 -7.93 3.23
N THR A 558 20.52 -7.34 2.03
CA THR A 558 19.35 -6.54 1.66
C THR A 558 18.14 -7.40 1.32
N ALA A 559 18.36 -8.53 0.65
CA ALA A 559 17.24 -9.42 0.32
C ALA A 559 16.62 -10.01 1.57
N GLY A 560 17.45 -10.35 2.56
CA GLY A 560 16.92 -10.90 3.80
C GLY A 560 16.24 -9.86 4.66
N PHE A 561 16.67 -8.60 4.56
CA PHE A 561 16.05 -7.54 5.35
C PHE A 561 14.64 -7.23 4.84
N MET A 562 14.43 -7.27 3.52
CA MET A 562 13.12 -6.97 2.98
C MET A 562 12.10 -8.04 3.36
N GLN A 563 12.56 -9.30 3.52
CA GLN A 563 11.64 -10.35 3.96
C GLN A 563 11.21 -10.14 5.40
N ALA A 564 12.15 -9.78 6.28
CA ALA A 564 11.81 -9.50 7.67
C ALA A 564 10.96 -8.24 7.79
N LEU A 565 11.15 -7.28 6.89
CA LEU A 565 10.34 -6.07 6.93
C LEU A 565 8.90 -6.36 6.55
N LEU A 566 8.68 -7.08 5.46
CA LEU A 566 7.31 -7.34 4.98
C LEU A 566 6.63 -8.44 5.78
N GLY A 567 7.39 -9.42 6.29
CA GLY A 567 6.79 -10.58 6.89
C GLY A 567 6.80 -10.64 8.41
N LEU A 568 7.57 -9.76 9.04
CA LEU A 568 7.66 -9.76 10.50
C LEU A 568 7.51 -8.37 11.10
N ILE A 569 8.30 -7.43 10.61
CA ILE A 569 8.29 -6.08 11.19
C ILE A 569 6.96 -5.39 10.94
N LEU A 570 6.53 -5.32 9.68
CA LEU A 570 5.28 -4.64 9.37
C LEU A 570 4.07 -5.29 10.01
N PRO A 571 3.89 -6.62 9.99
CA PRO A 571 2.71 -7.19 10.66
C PRO A 571 2.65 -6.89 12.15
N VAL A 572 3.79 -6.97 12.84
CA VAL A 572 3.81 -6.68 14.28
C VAL A 572 3.51 -5.20 14.53
N ALA A 573 4.19 -4.31 13.79
CA ALA A 573 3.99 -2.89 13.98
C ALA A 573 2.54 -2.49 13.73
N TYR A 574 1.89 -3.12 12.74
CA TYR A 574 0.53 -2.75 12.40
C TYR A 574 -0.45 -3.19 13.49
N GLU A 575 -0.21 -4.35 14.10
CA GLU A 575 -1.05 -4.77 15.21
C GLU A 575 -0.78 -3.94 16.46
N PHE A 576 0.48 -3.54 16.66
CA PHE A 576 0.84 -2.73 17.82
C PHE A 576 0.13 -1.39 17.80
N ASN A 577 -0.03 -0.79 16.61
CA ASN A 577 -0.63 0.53 16.41
C ASN A 577 0.06 1.56 17.30
N PRO A 578 1.31 1.90 17.03
CA PRO A 578 2.00 2.88 17.88
C PRO A 578 1.49 4.28 17.64
N ALA A 579 1.65 5.12 18.66
CA ALA A 579 1.39 6.55 18.51
C ALA A 579 2.59 7.29 17.94
N LEU A 580 3.77 6.67 17.96
CA LEU A 580 4.99 7.30 17.49
C LEU A 580 5.99 6.21 17.13
N VAL A 581 6.79 6.47 16.10
CA VAL A 581 7.87 5.58 15.68
C VAL A 581 9.19 6.29 15.96
N LEU A 582 10.08 5.61 16.69
CA LEU A 582 11.40 6.14 17.01
C LEU A 582 12.44 5.32 16.27
N GLY A 583 13.03 5.93 15.24
CA GLY A 583 14.10 5.28 14.48
C GLY A 583 15.45 5.69 15.02
N ILE A 584 16.30 4.69 15.28
CA ILE A 584 17.63 4.90 15.84
C ILE A 584 18.64 4.15 14.99
N VAL A 585 19.72 4.82 14.60
CA VAL A 585 20.81 4.23 13.84
C VAL A 585 22.13 4.59 14.52
N GLU A 586 22.92 3.57 14.82
CA GLU A 586 24.25 3.82 15.36
C GLU A 586 25.25 4.07 14.23
N GLU A 587 26.42 4.61 14.59
CA GLU A 587 27.36 5.06 13.58
C GLU A 587 27.97 3.91 12.79
N THR A 588 28.24 2.79 13.46
CA THR A 588 28.82 1.63 12.79
C THR A 588 27.77 0.91 11.94
N THR A 592 28.44 0.20 5.66
CA THR A 592 27.10 0.72 5.92
C THR A 592 26.12 0.25 4.85
N ARG A 593 25.59 -0.96 5.04
CA ARG A 593 24.64 -1.55 4.10
C ARG A 593 23.18 -1.23 4.45
N LEU A 594 22.96 -0.18 5.25
CA LEU A 594 21.60 0.28 5.49
C LEU A 594 21.08 1.16 4.37
N MET A 595 21.97 1.66 3.51
CA MET A 595 21.58 2.60 2.46
C MET A 595 20.52 2.01 1.55
N ARG A 596 20.63 0.73 1.21
CA ARG A 596 19.75 0.14 0.22
C ARG A 596 18.32 0.02 0.72
N VAL A 597 18.14 -0.36 1.99
CA VAL A 597 16.83 -0.71 2.51
C VAL A 597 16.19 0.38 3.37
N TRP A 598 16.98 1.30 3.92
CA TRP A 598 16.46 2.27 4.89
C TRP A 598 15.41 3.19 4.27
N GLY A 599 15.40 3.36 2.95
CA GLY A 599 14.41 4.22 2.34
C GLY A 599 13.02 3.62 2.35
N HIS A 600 12.91 2.35 1.95
CA HIS A 600 11.62 1.68 1.98
C HIS A 600 11.15 1.44 3.40
N MET A 601 12.08 1.13 4.31
CA MET A 601 11.73 1.01 5.72
C MET A 601 11.08 2.28 6.23
N THR A 602 11.68 3.44 5.92
CA THR A 602 11.13 4.70 6.38
C THR A 602 9.79 4.99 5.73
N CYS A 603 9.65 4.68 4.44
CA CYS A 603 8.39 4.96 3.75
C CYS A 603 7.28 4.04 4.24
N LEU A 604 7.58 2.74 4.34
CA LEU A 604 6.53 1.78 4.74
C LEU A 604 6.12 1.96 6.19
N ILE A 605 7.09 2.16 7.09
CA ILE A 605 6.80 2.34 8.51
C ILE A 605 6.01 3.61 8.78
N GLN A 606 5.90 4.51 7.79
CA GLN A 606 5.09 5.70 7.94
C GLN A 606 3.60 5.40 7.81
N GLY A 607 3.22 4.16 7.52
CA GLY A 607 1.83 3.76 7.66
C GLY A 607 1.38 3.66 9.10
N LEU A 608 2.33 3.61 10.04
CA LEU A 608 2.04 3.59 11.45
C LEU A 608 2.01 5.00 12.02
N ALA A 609 1.28 5.16 13.13
CA ALA A 609 1.33 6.36 13.96
C ALA A 609 1.01 7.63 13.18
N ARG A 610 0.16 7.52 12.16
CA ARG A 610 -0.16 8.64 11.27
C ARG A 610 1.10 9.24 10.64
N GLY A 611 2.15 8.42 10.49
CA GLY A 611 3.37 8.88 9.86
C GLY A 611 4.27 9.73 10.73
N ARG A 612 3.96 9.88 12.02
CA ARG A 612 4.81 10.68 12.91
C ARG A 612 5.95 9.79 13.39
N MET A 613 7.07 9.85 12.67
CA MET A 613 8.27 9.09 13.00
C MET A 613 9.44 10.04 13.16
N LEU A 614 10.11 9.96 14.31
CA LEU A 614 11.32 10.75 14.55
C LEU A 614 12.53 9.85 14.48
N THR A 615 13.54 10.28 13.73
CA THR A 615 14.73 9.48 13.47
C THR A 615 15.95 10.12 14.11
N LEU A 616 16.69 9.32 14.87
CA LEU A 616 17.95 9.74 15.47
C LEU A 616 19.08 8.93 14.82
N LEU A 617 19.97 9.63 14.11
CA LEU A 617 21.15 9.01 13.52
C LEU A 617 22.40 9.49 14.25
N GLN A 618 23.23 8.54 14.66
CA GLN A 618 24.44 8.84 15.41
C GLN A 618 25.56 9.15 14.42
N GLY A 619 26.16 10.34 14.57
CA GLY A 619 27.17 10.80 13.64
C GLY A 619 26.56 11.35 12.37
N TYR A 620 27.39 12.07 11.61
CA TYR A 620 26.94 12.74 10.39
C TYR A 620 27.30 11.88 9.18
N ASP A 621 26.28 11.50 8.41
CA ASP A 621 26.45 10.84 7.12
C ASP A 621 25.58 11.60 6.13
N LYS A 622 26.22 12.34 5.21
CA LYS A 622 25.48 13.20 4.31
C LYS A 622 24.49 12.40 3.47
N ASP A 623 24.93 11.27 2.94
CA ASP A 623 24.04 10.45 2.12
C ASP A 623 22.93 9.83 2.96
N LEU A 624 23.29 9.25 4.11
CA LEU A 624 22.27 8.65 4.98
C LEU A 624 21.27 9.70 5.44
N LEU A 625 21.75 10.87 5.88
CA LEU A 625 20.84 11.93 6.30
C LEU A 625 19.92 12.36 5.17
N GLU A 626 20.48 12.58 3.97
CA GLU A 626 19.66 12.98 2.84
C GLU A 626 18.71 11.88 2.38
N LEU A 627 19.02 10.62 2.69
CA LEU A 627 18.12 9.53 2.31
C LEU A 627 16.88 9.50 3.20
N THR A 628 17.07 9.55 4.52
CA THR A 628 15.93 9.51 5.43
C THR A 628 15.03 10.73 5.24
N VAL A 629 15.63 11.91 5.11
CA VAL A 629 14.83 13.12 4.89
C VAL A 629 14.02 13.00 3.61
N SER A 630 14.65 12.45 2.55
CA SER A 630 13.93 12.22 1.30
C SER A 630 12.74 11.29 1.53
N ALA A 631 12.95 10.19 2.27
CA ALA A 631 11.87 9.25 2.53
C ALA A 631 10.85 9.83 3.50
N LEU A 632 11.32 10.56 4.53
CA LEU A 632 10.40 11.16 5.48
C LEU A 632 9.52 12.22 4.83
N SER A 633 10.06 12.93 3.83
CA SER A 633 9.32 14.00 3.17
C SER A 633 8.25 13.50 2.22
N GLY A 634 8.25 12.20 1.90
CA GLY A 634 7.31 11.66 0.95
C GLY A 634 7.77 11.62 -0.48
N ALA A 635 9.08 11.74 -0.72
CA ALA A 635 9.61 11.74 -2.07
C ALA A 635 9.56 10.33 -2.65
N SER A 636 9.86 10.23 -3.94
CA SER A 636 9.98 8.94 -4.58
C SER A 636 11.12 8.14 -3.94
N ILE A 637 10.99 6.82 -3.99
CA ILE A 637 11.97 5.90 -3.43
C ILE A 637 12.59 5.12 -4.58
N SER A 638 13.92 5.14 -4.64
CA SER A 638 14.63 4.47 -5.73
C SER A 638 14.56 2.96 -5.58
N PRO A 639 14.31 2.22 -6.69
CA PRO A 639 14.04 0.77 -6.56
C PRO A 639 15.25 -0.04 -6.12
N LEU A 640 15.07 -1.36 -6.02
CA LEU A 640 16.09 -2.25 -5.47
C LEU A 640 16.69 -3.16 -6.54
N GLY A 641 15.90 -4.03 -7.14
CA GLY A 641 16.41 -4.95 -8.14
C GLY A 641 16.72 -6.33 -7.59
N ARG A 644 17.99 -10.40 -5.20
CA ARG A 644 18.37 -11.80 -5.30
C ARG A 644 17.44 -12.70 -4.49
N ALA A 645 18.05 -13.51 -3.63
CA ALA A 645 17.37 -14.40 -2.70
C ALA A 645 18.22 -14.48 -1.44
N PRO A 646 17.59 -14.66 -0.27
CA PRO A 646 18.33 -14.68 0.98
C PRO A 646 18.86 -16.08 1.31
N LYS A 647 19.71 -16.11 2.34
CA LYS A 647 20.36 -17.35 2.78
C LYS A 647 19.44 -18.11 3.74
N PRO A 648 19.43 -19.45 3.64
CA PRO A 648 18.61 -20.24 4.57
C PRO A 648 18.95 -20.02 6.02
N GLU A 649 20.20 -19.66 6.33
CA GLU A 649 20.58 -19.34 7.70
CA GLU A 649 20.58 -19.34 7.70
C GLU A 649 19.76 -18.18 8.24
N ASP A 650 19.34 -17.27 7.37
CA ASP A 650 18.58 -16.08 7.76
C ASP A 650 17.07 -16.34 7.78
N VAL A 651 16.55 -17.00 6.73
CA VAL A 651 15.10 -17.25 6.69
C VAL A 651 14.68 -18.17 7.81
N GLU A 652 15.58 -19.04 8.27
CA GLU A 652 15.27 -19.87 9.44
C GLU A 652 15.22 -19.02 10.71
N MET A 653 16.17 -18.11 10.86
CA MET A 653 16.16 -17.19 12.00
C MET A 653 14.86 -16.39 12.04
N MET A 654 14.31 -16.06 10.87
CA MET A 654 13.09 -15.26 10.83
C MET A 654 11.86 -16.08 11.18
N GLU A 655 11.77 -17.31 10.66
CA GLU A 655 10.61 -18.14 10.99
C GLU A 655 10.62 -18.58 12.44
N LYS A 656 11.80 -18.68 13.06
CA LYS A 656 11.86 -18.92 14.50
C LYS A 656 11.36 -17.70 15.27
N GLN A 657 11.66 -16.50 14.77
CA GLN A 657 11.05 -15.30 15.36
C GLN A 657 9.54 -15.32 15.20
N ARG A 658 9.05 -15.75 14.04
CA ARG A 658 7.61 -15.86 13.84
C ARG A 658 7.01 -16.92 14.76
N GLN A 659 7.67 -18.07 14.89
CA GLN A 659 7.21 -19.09 15.81
C GLN A 659 7.12 -18.55 17.24
N ARG A 660 8.05 -17.67 17.61
CA ARG A 660 8.14 -17.17 18.97
C ARG A 660 7.14 -16.06 19.26
N LEU A 661 6.61 -15.38 18.23
CA LEU A 661 5.80 -14.19 18.43
C LEU A 661 4.39 -14.27 17.89
N GLN A 662 4.09 -15.20 16.98
CA GLN A 662 2.79 -15.19 16.32
C GLN A 662 1.64 -15.53 17.27
N GLU A 663 1.93 -16.22 18.38
CA GLU A 663 0.88 -16.46 19.36
C GLU A 663 0.43 -15.16 20.01
N ARG A 664 1.37 -14.25 20.26
CA ARG A 664 1.03 -12.95 20.82
C ARG A 664 0.54 -11.99 19.74
N TRP A 665 1.22 -11.95 18.61
CA TRP A 665 0.89 -11.05 17.50
C TRP A 665 0.35 -11.91 16.35
N GLY A 666 -0.97 -12.09 16.34
CA GLY A 666 -1.58 -13.01 15.39
C GLY A 666 -1.44 -12.59 13.95
N LEU A 667 -1.25 -11.29 13.70
CA LEU A 667 -1.06 -10.81 12.34
C LEU A 667 0.20 -11.37 11.70
N LEU A 668 1.11 -11.95 12.49
CA LEU A 668 2.29 -12.61 11.94
C LEU A 668 1.97 -13.92 11.25
N ARG A 669 0.80 -14.50 11.54
CA ARG A 669 0.51 -15.86 11.10
C ARG A 669 0.30 -15.93 9.60
N CYS A 670 0.87 -16.96 8.98
CA CYS A 670 0.67 -17.27 7.57
C CYS A 670 0.20 -18.71 7.37
N THR A 671 -0.24 -19.36 8.45
CA THR A 671 -0.81 -20.70 8.40
C THR A 671 -1.99 -20.75 9.35
N VAL A 672 -2.79 -21.81 9.24
CA VAL A 672 -3.88 -22.03 10.18
C VAL A 672 -3.31 -22.61 11.47
N SER A 673 -3.72 -22.04 12.60
CA SER A 673 -3.28 -22.57 13.89
C SER A 673 -3.81 -23.98 14.08
N GLU A 674 -3.03 -24.79 14.79
CA GLU A 674 -3.36 -26.20 15.02
C GLU A 674 -4.20 -26.31 16.28
N SER A 675 -5.40 -26.85 16.15
CA SER A 675 -6.22 -27.15 17.32
C SER A 675 -5.55 -28.24 18.16
N TRP A 676 -5.39 -27.97 19.44
CA TRP A 676 -4.79 -28.94 20.35
C TRP A 676 -5.75 -30.10 20.55
#